data_9G39
# 
_entry.id   9G39 
# 
_audit_conform.dict_name       mmcif_pdbx.dic 
_audit_conform.dict_version    5.401 
_audit_conform.dict_location   http://mmcif.pdb.org/dictionaries/ascii/mmcif_pdbx.dic 
# 
loop_
_database_2.database_id 
_database_2.database_code 
_database_2.pdbx_database_accession 
_database_2.pdbx_DOI 
PDB   9G39         pdb_00009g39 10.2210/pdb9g39/pdb 
WWPDB D_1292140201 ?            ?                   
# 
loop_
_pdbx_audit_revision_history.ordinal 
_pdbx_audit_revision_history.data_content_type 
_pdbx_audit_revision_history.major_revision 
_pdbx_audit_revision_history.minor_revision 
_pdbx_audit_revision_history.revision_date 
1 'Structure model' 1 0 2024-12-04 
2 'Structure model' 1 1 2025-01-22 
# 
_pdbx_audit_revision_details.ordinal             1 
_pdbx_audit_revision_details.revision_ordinal    1 
_pdbx_audit_revision_details.data_content_type   'Structure model' 
_pdbx_audit_revision_details.provider            repository 
_pdbx_audit_revision_details.type                'Initial release' 
_pdbx_audit_revision_details.description         ? 
_pdbx_audit_revision_details.details             ? 
# 
_pdbx_audit_revision_group.ordinal             1 
_pdbx_audit_revision_group.revision_ordinal    2 
_pdbx_audit_revision_group.data_content_type   'Structure model' 
_pdbx_audit_revision_group.group               'Database references' 
# 
loop_
_pdbx_audit_revision_category.ordinal 
_pdbx_audit_revision_category.revision_ordinal 
_pdbx_audit_revision_category.data_content_type 
_pdbx_audit_revision_category.category 
1 2 'Structure model' citation        
2 2 'Structure model' citation_author 
# 
loop_
_pdbx_audit_revision_item.ordinal 
_pdbx_audit_revision_item.revision_ordinal 
_pdbx_audit_revision_item.data_content_type 
_pdbx_audit_revision_item.item 
1  2 'Structure model' '_citation.country'                 
2  2 'Structure model' '_citation.journal_abbrev'          
3  2 'Structure model' '_citation.journal_id_ASTM'         
4  2 'Structure model' '_citation.journal_id_CSD'          
5  2 'Structure model' '_citation.journal_id_ISSN'         
6  2 'Structure model' '_citation.journal_volume'          
7  2 'Structure model' '_citation.page_first'              
8  2 'Structure model' '_citation.page_last'               
9  2 'Structure model' '_citation.pdbx_database_id_DOI'    
10 2 'Structure model' '_citation.pdbx_database_id_PubMed' 
11 2 'Structure model' '_citation.title'                   
12 2 'Structure model' '_citation.year'                    
# 
_pdbx_database_status.status_code                     REL 
_pdbx_database_status.status_code_sf                  REL 
_pdbx_database_status.status_code_mr                  ? 
_pdbx_database_status.entry_id                        9G39 
_pdbx_database_status.recvd_initial_deposition_date   2024-07-11 
_pdbx_database_status.SG_entry                        N 
_pdbx_database_status.deposit_site                    PDBE 
_pdbx_database_status.process_site                    PDBE 
_pdbx_database_status.status_code_cs                  ? 
_pdbx_database_status.status_code_nmr_data            ? 
_pdbx_database_status.methods_development_category    ? 
_pdbx_database_status.pdb_format_compatible           Y 
# 
_pdbx_contact_author.id                 2 
_pdbx_contact_author.email              luigi.dicostanzo4@unina.it 
_pdbx_contact_author.name_first         Luigi 
_pdbx_contact_author.name_last          DiCostanzo 
_pdbx_contact_author.name_mi            F. 
_pdbx_contact_author.role               'principal investigator/group leader' 
_pdbx_contact_author.identifier_ORCID   0000-0002-4795-2573 
# 
loop_
_audit_author.name 
_audit_author.pdbx_ordinal 
_audit_author.identifier_ORCID 
'Di Costanzo, L.' 1 ? 
'La Gatta, S.'    2 ? 
'Chino, M.'       3 ? 
# 
loop_
_citation.abstract 
_citation.abstract_id_CAS 
_citation.book_id_ISBN 
_citation.book_publisher 
_citation.book_publisher_city 
_citation.book_title 
_citation.coordinate_linkage 
_citation.country 
_citation.database_id_Medline 
_citation.details 
_citation.id 
_citation.journal_abbrev 
_citation.journal_id_ASTM 
_citation.journal_id_CSD 
_citation.journal_id_ISSN 
_citation.journal_full 
_citation.journal_issue 
_citation.journal_volume 
_citation.language 
_citation.page_first 
_citation.page_last 
_citation.title 
_citation.year 
_citation.database_id_CSD 
_citation.pdbx_database_id_DOI 
_citation.pdbx_database_id_PubMed 
_citation.pdbx_database_id_patent 
_citation.unpublished_flag 
? ? ? ? ? ? ? US ? ? primary J.Inorg.Biochem.                                 JIBIDJ 0525 0162-0134 ? ? 264 ? 112810 112810 
'Structural insights into temperature-dependent dynamics of METPsc1, a miniaturized electron-transfer protein.' 2025 ? 
10.1016/j.jinorgbio.2024.112810 39689412 ? ? 
? ? ? ? ? ? ? DK ? ? 1       'Acta Crystallogr., Sect. D: Biol. Crystallogr.' ABCRE6 0766 0907-4449 ? ? 75  ? 861    877    
'Macromolecular structure determination using X-rays, neutrons and electrons: recent developments in Phenix'    2019 ? 
10.1107/S2059798319011471       31588918 ? ? 
# 
loop_
_citation_author.citation_id 
_citation_author.name 
_citation_author.ordinal 
_citation_author.identifier_ORCID 
primary 'Di Costanzo, L.F.' 1  ?                   
primary 'Sgueglia, G.'      2  ?                   
primary 'Orlando, C.'       3  ?                   
primary 'Polentarutti, M.'  4  ?                   
primary 'Leone, L.'         5  ?                   
primary 'La Gatta, S.'      6  ?                   
primary 'De Fenza, M.'      7  ?                   
primary 'De Gioia, L.'      8  ?                   
primary 'Lombardi, A.'      9  ?                   
primary 'Arrigoni, F.'      10 ?                   
primary 'Chino, M.'         11 ?                   
1       'Liebschner, D.'    12 0000-0003-3921-3209 
1       'Afonine, P.V.'     13 0000-0002-5052-991X 
1       'Baker, M.L.'       14 ?                   
1       'Bunkoczi, G.'      15 ?                   
1       'Chen, V.B.'        16 0000-0003-2492-979X 
1       'Croll, T.I.'       17 ?                   
1       'Hintze, B.'        18 0000-0002-4871-2096 
1       'Hung, L.W.'        19 0000-0001-6690-8458 
1       'Jain, S.'          20 ?                   
1       'McCoy, A.J.'       21 ?                   
1       'Moriarty, N.W.'    22 0000-0001-8857-9464 
1       'Oeffner, R.D.'     23 0000-0003-3107-2202 
1       'Poon, B.K.'        24 0000-0001-9633-6067 
1       'Prisant, M.G.'     25 ?                   
1       'Read, R.J.'        26 0000-0001-8273-0047 
1       'Richardson, J.S.'  27 0000-0002-3311-2944 
1       'Richardson, D.C.'  28 ?                   
1       'Sammito, M.D.'     29 0000-0002-8346-9247 
1       'Sobolev, O.V.'     30 0000-0002-0623-3214 
1       'Stockwell, D.H.'   31 ?                   
1       'Terwilliger, T.C.' 32 0000-0001-6384-0320 
1       'Urzhumtsev, A.G.'  33 ?                   
1       'Videau, L.L.'      34 ?                   
1       'Williams, C.J.'    35 ?                   
1       'Adams, P.D.'       36 0000-0001-9333-8219 
# 
loop_
_entity.id 
_entity.type 
_entity.src_method 
_entity.pdbx_description 
_entity.formula_weight 
_entity.pdbx_number_of_molecules 
_entity.pdbx_ec 
_entity.pdbx_mutation 
_entity.pdbx_fragment 
_entity.details 
1 polymer     syn 'METP ARTIFICIAL PROTEIN' 2955.254 1  ? ? ? ? 
2 non-polymer syn 'CADMIUM ION'             112.411  1  ? ? ? ? 
3 water       nat water                     18.015   25 ? ? ? ? 
# 
_entity_poly.entity_id                      1 
_entity_poly.type                           'polypeptide(L)' 
_entity_poly.nstd_linkage                   no 
_entity_poly.nstd_monomer                   yes 
_entity_poly.pdbx_seq_one_letter_code       '(ACE)YCSDCGAD(AIB)SQVRGGYCTNCGAS(AIB)DRIR(NH2)' 
_entity_poly.pdbx_seq_one_letter_code_can   XYCSDCGADASQVRGGYCTNCGASADRIRX 
_entity_poly.pdbx_strand_id                 C 
_entity_poly.pdbx_target_identifier         ? 
# 
loop_
_pdbx_entity_nonpoly.entity_id 
_pdbx_entity_nonpoly.name 
_pdbx_entity_nonpoly.comp_id 
2 'CADMIUM ION' CD  
3 water         HOH 
# 
loop_
_entity_poly_seq.entity_id 
_entity_poly_seq.num 
_entity_poly_seq.mon_id 
_entity_poly_seq.hetero 
1 1  ACE n 
1 2  TYR n 
1 3  CYS n 
1 4  SER n 
1 5  ASP n 
1 6  CYS n 
1 7  GLY n 
1 8  ALA n 
1 9  ASP n 
1 10 AIB n 
1 11 SER n 
1 12 GLN n 
1 13 VAL n 
1 14 ARG n 
1 15 GLY n 
1 16 GLY n 
1 17 TYR n 
1 18 CYS n 
1 19 THR n 
1 20 ASN n 
1 21 CYS n 
1 22 GLY n 
1 23 ALA n 
1 24 SER n 
1 25 AIB n 
1 26 ASP n 
1 27 ARG n 
1 28 ILE n 
1 29 ARG n 
1 30 NH2 n 
# 
_pdbx_entity_src_syn.entity_id              1 
_pdbx_entity_src_syn.pdbx_src_id            1 
_pdbx_entity_src_syn.pdbx_alt_source_flag   sample 
_pdbx_entity_src_syn.pdbx_beg_seq_num       1 
_pdbx_entity_src_syn.pdbx_end_seq_num       30 
_pdbx_entity_src_syn.organism_scientific    'synthetic construct' 
_pdbx_entity_src_syn.organism_common_name   ? 
_pdbx_entity_src_syn.ncbi_taxonomy_id       32630 
_pdbx_entity_src_syn.details                'chemically synthesized' 
# 
loop_
_chem_comp.id 
_chem_comp.type 
_chem_comp.mon_nstd_flag 
_chem_comp.name 
_chem_comp.pdbx_synonyms 
_chem_comp.formula 
_chem_comp.formula_weight 
ACE non-polymer         . 'ACETYL GROUP'               ? 'C2 H4 O'        44.053  
AIB 'L-peptide linking' n 'ALPHA-AMINOISOBUTYRIC ACID' ? 'C4 H9 N O2'     103.120 
ALA 'L-peptide linking' y ALANINE                      ? 'C3 H7 N O2'     89.093  
ARG 'L-peptide linking' y ARGININE                     ? 'C6 H15 N4 O2 1' 175.209 
ASN 'L-peptide linking' y ASPARAGINE                   ? 'C4 H8 N2 O3'    132.118 
ASP 'L-peptide linking' y 'ASPARTIC ACID'              ? 'C4 H7 N O4'     133.103 
CD  non-polymer         . 'CADMIUM ION'                ? 'Cd 2'           112.411 
CYS 'L-peptide linking' y CYSTEINE                     ? 'C3 H7 N O2 S'   121.158 
GLN 'L-peptide linking' y GLUTAMINE                    ? 'C5 H10 N2 O3'   146.144 
GLY 'peptide linking'   y GLYCINE                      ? 'C2 H5 N O2'     75.067  
HOH non-polymer         . WATER                        ? 'H2 O'           18.015  
ILE 'L-peptide linking' y ISOLEUCINE                   ? 'C6 H13 N O2'    131.173 
NH2 non-polymer         . 'AMINO GROUP'                ? 'H2 N'           16.023  
SER 'L-peptide linking' y SERINE                       ? 'C3 H7 N O3'     105.093 
THR 'L-peptide linking' y THREONINE                    ? 'C4 H9 N O3'     119.119 
TYR 'L-peptide linking' y TYROSINE                     ? 'C9 H11 N O3'    181.189 
VAL 'L-peptide linking' y VALINE                       ? 'C5 H11 N O2'    117.146 
# 
loop_
_pdbx_poly_seq_scheme.asym_id 
_pdbx_poly_seq_scheme.entity_id 
_pdbx_poly_seq_scheme.seq_id 
_pdbx_poly_seq_scheme.mon_id 
_pdbx_poly_seq_scheme.ndb_seq_num 
_pdbx_poly_seq_scheme.pdb_seq_num 
_pdbx_poly_seq_scheme.auth_seq_num 
_pdbx_poly_seq_scheme.pdb_mon_id 
_pdbx_poly_seq_scheme.auth_mon_id 
_pdbx_poly_seq_scheme.pdb_strand_id 
_pdbx_poly_seq_scheme.pdb_ins_code 
_pdbx_poly_seq_scheme.hetero 
A 1 1  ACE 1  0  0  ACE ACE C . n 
A 1 2  TYR 2  1  1  TYR TYR C . n 
A 1 3  CYS 3  2  2  CYS CYS C . n 
A 1 4  SER 4  3  3  SER SER C . n 
A 1 5  ASP 5  4  4  ASP ASP C . n 
A 1 6  CYS 6  5  5  CYS CYS C . n 
A 1 7  GLY 7  6  6  GLY GLY C . n 
A 1 8  ALA 8  7  7  ALA ALA C . n 
A 1 9  ASP 9  8  8  ASP ASP C . n 
A 1 10 AIB 10 9  9  AIB AIB C . n 
A 1 11 SER 11 10 10 SER SER C . n 
A 1 12 GLN 12 11 11 GLN GLN C . n 
A 1 13 VAL 13 12 12 VAL VAL C . n 
A 1 14 ARG 14 13 13 ARG ARG C . n 
A 1 15 GLY 15 14 14 GLY GLY C . n 
A 1 16 GLY 16 15 15 GLY GLY C . n 
A 1 17 TYR 17 16 16 TYR TYR C . n 
A 1 18 CYS 18 17 17 CYS CYS C . n 
A 1 19 THR 19 18 18 THR THR C . n 
A 1 20 ASN 20 19 19 ASN ASN C . n 
A 1 21 CYS 21 20 20 CYS CYS C . n 
A 1 22 GLY 22 21 21 GLY GLY C . n 
A 1 23 ALA 23 22 22 ALA ALA C . n 
A 1 24 SER 24 23 23 SER SER C . n 
A 1 25 AIB 25 24 24 AIB AIB C . n 
A 1 26 ASP 26 25 25 ASP ASP C . n 
A 1 27 ARG 27 26 26 ARG ARG C . n 
A 1 28 ILE 28 27 27 ILE ILE C . n 
A 1 29 ARG 29 28 28 ARG ARG C . n 
A 1 30 NH2 30 29 29 NH2 NH2 C . n 
# 
_pdbx_entity_instance_feature.ordinal        1 
_pdbx_entity_instance_feature.comp_id        CD 
_pdbx_entity_instance_feature.asym_id        ? 
_pdbx_entity_instance_feature.seq_num        ? 
_pdbx_entity_instance_feature.auth_comp_id   CD 
_pdbx_entity_instance_feature.auth_asym_id   ? 
_pdbx_entity_instance_feature.auth_seq_num   ? 
_pdbx_entity_instance_feature.feature_type   'SUBJECT OF INVESTIGATION' 
_pdbx_entity_instance_feature.details        ? 
# 
loop_
_pdbx_nonpoly_scheme.asym_id 
_pdbx_nonpoly_scheme.entity_id 
_pdbx_nonpoly_scheme.mon_id 
_pdbx_nonpoly_scheme.ndb_seq_num 
_pdbx_nonpoly_scheme.pdb_seq_num 
_pdbx_nonpoly_scheme.auth_seq_num 
_pdbx_nonpoly_scheme.pdb_mon_id 
_pdbx_nonpoly_scheme.auth_mon_id 
_pdbx_nonpoly_scheme.pdb_strand_id 
_pdbx_nonpoly_scheme.pdb_ins_code 
B 2 CD  1  101 101 CD  CD  C . 
C 3 HOH 1  201 201 HOH HOH C . 
C 3 HOH 2  202 225 HOH HOH C . 
C 3 HOH 3  203 211 HOH HOH C . 
C 3 HOH 4  204 203 HOH HOH C . 
C 3 HOH 5  205 210 HOH HOH C . 
C 3 HOH 6  206 202 HOH HOH C . 
C 3 HOH 7  207 208 HOH HOH C . 
C 3 HOH 8  208 206 HOH HOH C . 
C 3 HOH 9  209 207 HOH HOH C . 
C 3 HOH 10 210 209 HOH HOH C . 
C 3 HOH 11 211 204 HOH HOH C . 
C 3 HOH 12 212 221 HOH HOH C . 
C 3 HOH 13 213 205 HOH HOH C . 
C 3 HOH 14 214 212 HOH HOH C . 
C 3 HOH 15 215 215 HOH HOH C . 
C 3 HOH 16 216 216 HOH HOH C . 
C 3 HOH 17 217 220 HOH HOH C . 
C 3 HOH 18 218 218 HOH HOH C . 
C 3 HOH 19 219 213 HOH HOH C . 
C 3 HOH 20 220 217 HOH HOH C . 
C 3 HOH 21 221 214 HOH HOH C . 
C 3 HOH 22 222 222 HOH HOH C . 
C 3 HOH 23 223 224 HOH HOH C . 
C 3 HOH 24 224 223 HOH HOH C . 
C 3 HOH 25 225 219 HOH HOH C . 
# 
loop_
_software.citation_id 
_software.classification 
_software.compiler_name 
_software.compiler_version 
_software.contact_author 
_software.contact_author_email 
_software.date 
_software.description 
_software.dependencies 
_software.hardware 
_software.language 
_software.location 
_software.mods 
_software.name 
_software.os 
_software.os_version 
_software.type 
_software.version 
_software.pdbx_ordinal 
? refinement       ? ? 'Paul D. Adams' pdadams@lbl.gov ? ? ? ? Python/C++ https://www.phenix-online.org/ ? PHENIX ? ? program 
1.21_5207 1 
? 'data scaling'   ? ? ?               ?               ? ? ? ? ?          ?                              ? SCALA  ? ? ?       . 2 
? 'data reduction' ? ? ?               ?               ? ? ? ? ?          ?                              ? XDS    ? ? ?       . 3 
? phasing          ? ? ?               ?               ? ? ? ? ?          ?                              ? PHASER ? ? ?       . 4 
# 
_cell.angle_alpha                  90.000 
_cell.angle_alpha_esd              ? 
_cell.angle_beta                   90.000 
_cell.angle_beta_esd               ? 
_cell.angle_gamma                  90.000 
_cell.angle_gamma_esd              ? 
_cell.entry_id                     9G39 
_cell.details                      ? 
_cell.formula_units_Z              ? 
_cell.length_a                     37.070 
_cell.length_a_esd                 ? 
_cell.length_b                     56.654 
_cell.length_b_esd                 ? 
_cell.length_c                     19.331 
_cell.length_c_esd                 ? 
_cell.volume                       40598.266 
_cell.volume_esd                   ? 
_cell.Z_PDB                        8 
_cell.reciprocal_angle_alpha       ? 
_cell.reciprocal_angle_beta        ? 
_cell.reciprocal_angle_gamma       ? 
_cell.reciprocal_angle_alpha_esd   ? 
_cell.reciprocal_angle_beta_esd    ? 
_cell.reciprocal_angle_gamma_esd   ? 
_cell.reciprocal_length_a          ? 
_cell.reciprocal_length_b          ? 
_cell.reciprocal_length_c          ? 
_cell.reciprocal_length_a_esd      ? 
_cell.reciprocal_length_b_esd      ? 
_cell.reciprocal_length_c_esd      ? 
_cell.pdbx_unique_axis             ? 
_cell.pdbx_esd_method              ? 
# 
_symmetry.entry_id                         9G39 
_symmetry.cell_setting                     ? 
_symmetry.Int_Tables_number                20 
_symmetry.space_group_name_Hall            'C 2c 2' 
_symmetry.space_group_name_H-M             'C 2 2 21' 
_symmetry.pdbx_full_space_group_name_H-M   ? 
# 
_exptl.absorpt_coefficient_mu     ? 
_exptl.absorpt_correction_T_max   ? 
_exptl.absorpt_correction_T_min   ? 
_exptl.absorpt_correction_type    ? 
_exptl.absorpt_process_details    ? 
_exptl.entry_id                   9G39 
_exptl.crystals_number            1 
_exptl.details                    ? 
_exptl.method                     'X-RAY DIFFRACTION' 
_exptl.method_details             ? 
# 
_exptl_crystal.colour                       ? 
_exptl_crystal.density_diffrn               ? 
_exptl_crystal.density_Matthews             2.8 
_exptl_crystal.density_method               ? 
_exptl_crystal.density_percent_sol          56.6 
_exptl_crystal.description                  ? 
_exptl_crystal.F_000                        ? 
_exptl_crystal.id                           1 
_exptl_crystal.preparation                  ? 
_exptl_crystal.size_max                     ? 
_exptl_crystal.size_mid                     ? 
_exptl_crystal.size_min                     ? 
_exptl_crystal.size_rad                     ? 
_exptl_crystal.colour_lustre                ? 
_exptl_crystal.colour_modifier              ? 
_exptl_crystal.colour_primary               ? 
_exptl_crystal.density_meas                 ? 
_exptl_crystal.density_meas_esd             ? 
_exptl_crystal.density_meas_gt              ? 
_exptl_crystal.density_meas_lt              ? 
_exptl_crystal.density_meas_temp            ? 
_exptl_crystal.density_meas_temp_esd        ? 
_exptl_crystal.density_meas_temp_gt         ? 
_exptl_crystal.density_meas_temp_lt         ? 
_exptl_crystal.pdbx_crystal_image_url       ? 
_exptl_crystal.pdbx_crystal_image_format    ? 
_exptl_crystal.pdbx_mosaicity               ? 
_exptl_crystal.pdbx_mosaicity_esd           ? 
_exptl_crystal.pdbx_mosaic_method           ? 
_exptl_crystal.pdbx_mosaic_block_size       ? 
_exptl_crystal.pdbx_mosaic_block_size_esd   ? 
# 
_exptl_crystal_grow.apparatus       ? 
_exptl_crystal_grow.atmosphere      ? 
_exptl_crystal_grow.crystal_id      1 
_exptl_crystal_grow.details         ? 
_exptl_crystal_grow.method          'VAPOR DIFFUSION, HANGING DROP' 
_exptl_crystal_grow.method_ref      ? 
_exptl_crystal_grow.pH              7.5 
_exptl_crystal_grow.pressure        ? 
_exptl_crystal_grow.pressure_esd    ? 
_exptl_crystal_grow.seeding         ? 
_exptl_crystal_grow.seeding_ref     ? 
_exptl_crystal_grow.temp_details    ? 
_exptl_crystal_grow.temp_esd        ? 
_exptl_crystal_grow.time            ? 
_exptl_crystal_grow.pdbx_details    
;drop containing 2.0 &#956;L of 1:1 (v/v) mixture of protein solution (10 mg/mL, 7 mM DTT, 4 mM CdCl2) and 2.0 &#956;L of precipitant buffer (0.1 M HEPES at pH 7.5, 1.4 M sodium citrate tribasic dihydrate) was equilibrated against 0.5 mL reservoir of precipitant buffer
;
_exptl_crystal_grow.pdbx_pH_range   ? 
_exptl_crystal_grow.temp            298 
# 
_diffrn.ambient_environment              ? 
_diffrn.ambient_temp                     100 
_diffrn.ambient_temp_details             ? 
_diffrn.ambient_temp_esd                 ? 
_diffrn.crystal_id                       1 
_diffrn.crystal_support                  ? 
_diffrn.crystal_treatment                ? 
_diffrn.details                          ? 
_diffrn.id                               1 
_diffrn.ambient_pressure                 ? 
_diffrn.ambient_pressure_esd             ? 
_diffrn.ambient_pressure_gt              ? 
_diffrn.ambient_pressure_lt              ? 
_diffrn.ambient_temp_gt                  ? 
_diffrn.ambient_temp_lt                  ? 
_diffrn.pdbx_serial_crystal_experiment   N 
# 
_diffrn_detector.details                      ? 
_diffrn_detector.detector                     PIXEL 
_diffrn_detector.diffrn_id                    1 
_diffrn_detector.type                         'DECTRIS PILATUS3 6M' 
_diffrn_detector.area_resol_mean              ? 
_diffrn_detector.dtime                        ? 
_diffrn_detector.pdbx_frames_total            ? 
_diffrn_detector.pdbx_collection_time_total   ? 
_diffrn_detector.pdbx_collection_date         2000-01-01 
_diffrn_detector.pdbx_frequency               ? 
_diffrn_detector.id                           ? 
_diffrn_detector.number_of_axes               ? 
# 
_diffrn_radiation.collimation                      ? 
_diffrn_radiation.diffrn_id                        1 
_diffrn_radiation.filter_edge                      ? 
_diffrn_radiation.inhomogeneity                    ? 
_diffrn_radiation.monochromator                    ? 
_diffrn_radiation.polarisn_norm                    ? 
_diffrn_radiation.polarisn_ratio                   ? 
_diffrn_radiation.probe                            ? 
_diffrn_radiation.type                             ? 
_diffrn_radiation.xray_symbol                      ? 
_diffrn_radiation.wavelength_id                    1 
_diffrn_radiation.pdbx_monochromatic_or_laue_m_l   M 
_diffrn_radiation.pdbx_wavelength_list             ? 
_diffrn_radiation.pdbx_wavelength                  ? 
_diffrn_radiation.pdbx_diffrn_protocol             'SINGLE WAVELENGTH' 
_diffrn_radiation.pdbx_analyzer                    ? 
_diffrn_radiation.pdbx_scattering_type             x-ray 
# 
_diffrn_radiation_wavelength.id           1 
_diffrn_radiation_wavelength.wavelength   0.534 
_diffrn_radiation_wavelength.wt           1.0 
# 
_diffrn_source.current                     ? 
_diffrn_source.details                     ? 
_diffrn_source.diffrn_id                   1 
_diffrn_source.power                       ? 
_diffrn_source.size                        ? 
_diffrn_source.source                      SYNCHROTRON 
_diffrn_source.target                      ? 
_diffrn_source.type                        'ELETTRA BEAMLINE 5.2R' 
_diffrn_source.voltage                     ? 
_diffrn_source.take-off_angle              ? 
_diffrn_source.pdbx_wavelength_list        0.534 
_diffrn_source.pdbx_wavelength             ? 
_diffrn_source.pdbx_synchrotron_beamline   5.2R 
_diffrn_source.pdbx_synchrotron_site       ELETTRA 
# 
_reflns.B_iso_Wilson_estimate                          10.33 
_reflns.entry_id                                       9G39 
_reflns.data_reduction_details                         ? 
_reflns.data_reduction_method                          ? 
_reflns.d_resolution_high                              1.28 
_reflns.d_resolution_low                               100 
_reflns.details                                        ? 
_reflns.limit_h_max                                    ? 
_reflns.limit_h_min                                    ? 
_reflns.limit_k_max                                    ? 
_reflns.limit_k_min                                    ? 
_reflns.limit_l_max                                    ? 
_reflns.limit_l_min                                    ? 
_reflns.number_all                                     ? 
_reflns.number_obs                                     32461 
_reflns.observed_criterion                             ? 
_reflns.observed_criterion_F_max                       ? 
_reflns.observed_criterion_F_min                       ? 
_reflns.observed_criterion_I_max                       ? 
_reflns.observed_criterion_I_min                       ? 
_reflns.observed_criterion_sigma_F                     ? 
_reflns.observed_criterion_sigma_I                     ? 
_reflns.percent_possible_obs                           98.8 
_reflns.R_free_details                                 ? 
_reflns.Rmerge_F_all                                   ? 
_reflns.Rmerge_F_obs                                   ? 
_reflns.Friedel_coverage                               ? 
_reflns.number_gt                                      ? 
_reflns.threshold_expression                           ? 
_reflns.pdbx_redundancy                                1.95 
_reflns.pdbx_netI_over_av_sigmaI                       ? 
_reflns.pdbx_netI_over_sigmaI                          33.6 
_reflns.pdbx_res_netI_over_av_sigmaI_2                 ? 
_reflns.pdbx_res_netI_over_sigmaI_2                    ? 
_reflns.pdbx_chi_squared                               ? 
_reflns.pdbx_scaling_rejects                           ? 
_reflns.pdbx_d_res_high_opt                            ? 
_reflns.pdbx_d_res_low_opt                             ? 
_reflns.pdbx_d_res_opt_method                          ? 
_reflns.phase_calculation_details                      ? 
_reflns.pdbx_Rrim_I_all                                ? 
_reflns.pdbx_Rpim_I_all                                ? 
_reflns.pdbx_d_opt                                     ? 
_reflns.pdbx_number_measured_all                       ? 
_reflns.pdbx_diffrn_id                                 1 
_reflns.pdbx_ordinal                                   1 
_reflns.pdbx_CC_half                                   0.994 
_reflns.pdbx_CC_star                                   ? 
_reflns.pdbx_R_split                                   ? 
_reflns.pdbx_Rmerge_I_obs                              0.123 
_reflns.pdbx_Rmerge_I_all                              ? 
_reflns.pdbx_Rsym_value                                ? 
_reflns.pdbx_CC_split_method                           ? 
_reflns.pdbx_aniso_diffraction_limit_axis_1_ortho[1]   ? 
_reflns.pdbx_aniso_diffraction_limit_axis_1_ortho[2]   ? 
_reflns.pdbx_aniso_diffraction_limit_axis_1_ortho[3]   ? 
_reflns.pdbx_aniso_diffraction_limit_axis_2_ortho[1]   ? 
_reflns.pdbx_aniso_diffraction_limit_axis_2_ortho[2]   ? 
_reflns.pdbx_aniso_diffraction_limit_axis_2_ortho[3]   ? 
_reflns.pdbx_aniso_diffraction_limit_axis_3_ortho[1]   ? 
_reflns.pdbx_aniso_diffraction_limit_axis_3_ortho[2]   ? 
_reflns.pdbx_aniso_diffraction_limit_axis_3_ortho[3]   ? 
_reflns.pdbx_aniso_diffraction_limit_1                 ? 
_reflns.pdbx_aniso_diffraction_limit_2                 ? 
_reflns.pdbx_aniso_diffraction_limit_3                 ? 
_reflns.pdbx_aniso_B_tensor_eigenvector_1_ortho[1]     ? 
_reflns.pdbx_aniso_B_tensor_eigenvector_1_ortho[2]     ? 
_reflns.pdbx_aniso_B_tensor_eigenvector_1_ortho[3]     ? 
_reflns.pdbx_aniso_B_tensor_eigenvector_2_ortho[1]     ? 
_reflns.pdbx_aniso_B_tensor_eigenvector_2_ortho[2]     ? 
_reflns.pdbx_aniso_B_tensor_eigenvector_2_ortho[3]     ? 
_reflns.pdbx_aniso_B_tensor_eigenvector_3_ortho[1]     ? 
_reflns.pdbx_aniso_B_tensor_eigenvector_3_ortho[2]     ? 
_reflns.pdbx_aniso_B_tensor_eigenvector_3_ortho[3]     ? 
_reflns.pdbx_aniso_B_tensor_eigenvalue_1               ? 
_reflns.pdbx_aniso_B_tensor_eigenvalue_2               ? 
_reflns.pdbx_aniso_B_tensor_eigenvalue_3               ? 
_reflns.pdbx_orthogonalization_convention              ? 
_reflns.pdbx_percent_possible_ellipsoidal              ? 
_reflns.pdbx_percent_possible_spherical                ? 
_reflns.pdbx_percent_possible_ellipsoidal_anomalous    ? 
_reflns.pdbx_percent_possible_spherical_anomalous      ? 
_reflns.pdbx_redundancy_anomalous                      ? 
_reflns.pdbx_CC_half_anomalous                         ? 
_reflns.pdbx_absDiff_over_sigma_anomalous              ? 
_reflns.pdbx_percent_possible_anomalous                ? 
_reflns.pdbx_observed_signal_threshold                 ? 
_reflns.pdbx_signal_type                               ? 
_reflns.pdbx_signal_details                            ? 
_reflns.pdbx_signal_software_id                        ? 
# 
_reflns_shell.d_res_high                                    1.28 
_reflns_shell.d_res_low                                     1.29 
_reflns_shell.meanI_over_sigI_all                           ? 
_reflns_shell.meanI_over_sigI_obs                           ? 
_reflns_shell.number_measured_all                           ? 
_reflns_shell.number_measured_obs                           ? 
_reflns_shell.number_possible                               ? 
_reflns_shell.number_unique_all                             ? 
_reflns_shell.number_unique_obs                             276 
_reflns_shell.percent_possible_obs                          ? 
_reflns_shell.Rmerge_F_all                                  ? 
_reflns_shell.Rmerge_F_obs                                  ? 
_reflns_shell.meanI_over_sigI_gt                            ? 
_reflns_shell.meanI_over_uI_all                             ? 
_reflns_shell.meanI_over_uI_gt                              ? 
_reflns_shell.number_measured_gt                            ? 
_reflns_shell.number_unique_gt                              ? 
_reflns_shell.percent_possible_gt                           ? 
_reflns_shell.Rmerge_F_gt                                   ? 
_reflns_shell.Rmerge_I_gt                                   ? 
_reflns_shell.pdbx_redundancy                               ? 
_reflns_shell.pdbx_chi_squared                              ? 
_reflns_shell.pdbx_netI_over_sigmaI_all                     ? 
_reflns_shell.pdbx_netI_over_sigmaI_obs                     ? 
_reflns_shell.pdbx_Rrim_I_all                               ? 
_reflns_shell.pdbx_Rpim_I_all                               ? 
_reflns_shell.pdbx_rejects                                  ? 
_reflns_shell.pdbx_ordinal                                  1 
_reflns_shell.pdbx_diffrn_id                                1 
_reflns_shell.pdbx_CC_half                                  ? 
_reflns_shell.pdbx_CC_star                                  ? 
_reflns_shell.pdbx_R_split                                  ? 
_reflns_shell.percent_possible_all                          ? 
_reflns_shell.Rmerge_I_all                                  ? 
_reflns_shell.Rmerge_I_obs                                  0.715 
_reflns_shell.pdbx_Rsym_value                               ? 
_reflns_shell.pdbx_percent_possible_ellipsoidal             ? 
_reflns_shell.pdbx_percent_possible_spherical               ? 
_reflns_shell.pdbx_percent_possible_ellipsoidal_anomalous   ? 
_reflns_shell.pdbx_percent_possible_spherical_anomalous     ? 
_reflns_shell.pdbx_redundancy_anomalous                     ? 
_reflns_shell.pdbx_CC_half_anomalous                        ? 
_reflns_shell.pdbx_absDiff_over_sigma_anomalous             ? 
_reflns_shell.pdbx_percent_possible_anomalous               ? 
# 
_refine.aniso_B[1][1]                            ? 
_refine.aniso_B[1][2]                            ? 
_refine.aniso_B[1][3]                            ? 
_refine.aniso_B[2][2]                            ? 
_refine.aniso_B[2][3]                            ? 
_refine.aniso_B[3][3]                            ? 
_refine.B_iso_max                                ? 
_refine.B_iso_mean                               16.24 
_refine.B_iso_min                                ? 
_refine.correlation_coeff_Fo_to_Fc               ? 
_refine.correlation_coeff_Fo_to_Fc_free          ? 
_refine.details                                  ? 
_refine.diff_density_max                         ? 
_refine.diff_density_max_esd                     ? 
_refine.diff_density_min                         ? 
_refine.diff_density_min_esd                     ? 
_refine.diff_density_rms                         ? 
_refine.diff_density_rms_esd                     ? 
_refine.entry_id                                 9G39 
_refine.pdbx_refine_id                           'X-RAY DIFFRACTION' 
_refine.ls_abs_structure_details                 ? 
_refine.ls_abs_structure_Flack                   ? 
_refine.ls_abs_structure_Flack_esd               ? 
_refine.ls_abs_structure_Rogers                  ? 
_refine.ls_abs_structure_Rogers_esd              ? 
_refine.ls_d_res_high                            1.28 
_refine.ls_d_res_low                             31.02 
_refine.ls_extinction_coef                       ? 
_refine.ls_extinction_coef_esd                   ? 
_refine.ls_extinction_expression                 ? 
_refine.ls_extinction_method                     ? 
_refine.ls_goodness_of_fit_all                   ? 
_refine.ls_goodness_of_fit_all_esd               ? 
_refine.ls_goodness_of_fit_obs                   ? 
_refine.ls_goodness_of_fit_obs_esd               ? 
_refine.ls_hydrogen_treatment                    ? 
_refine.ls_matrix_type                           ? 
_refine.ls_number_constraints                    ? 
_refine.ls_number_parameters                     ? 
_refine.ls_number_reflns_all                     ? 
_refine.ls_number_reflns_obs                     5467 
_refine.ls_number_reflns_R_free                  ? 
_refine.ls_number_reflns_R_work                  0 
_refine.ls_number_restraints                     ? 
_refine.ls_percent_reflns_obs                    98.77 
_refine.ls_percent_reflns_R_free                 ? 
_refine.ls_R_factor_all                          ? 
_refine.ls_R_factor_obs                          0.1526 
_refine.ls_R_factor_R_free                       ? 
_refine.ls_R_factor_R_free_error                 ? 
_refine.ls_R_factor_R_free_error_details         ? 
_refine.ls_R_factor_R_work                       0.1526 
_refine.ls_R_Fsqd_factor_obs                     ? 
_refine.ls_R_I_factor_obs                        ? 
_refine.ls_redundancy_reflns_all                 ? 
_refine.ls_redundancy_reflns_obs                 ? 
_refine.ls_restrained_S_all                      ? 
_refine.ls_restrained_S_obs                      ? 
_refine.ls_shift_over_esd_max                    ? 
_refine.ls_shift_over_esd_mean                   ? 
_refine.ls_structure_factor_coef                 ? 
_refine.ls_weighting_details                     ? 
_refine.ls_weighting_scheme                      ? 
_refine.ls_wR_factor_all                         ? 
_refine.ls_wR_factor_obs                         ? 
_refine.ls_wR_factor_R_free                      ? 
_refine.ls_wR_factor_R_work                      ? 
_refine.occupancy_max                            ? 
_refine.occupancy_min                            ? 
_refine.solvent_model_details                    'FLAT BULK SOLVENT MODEL' 
_refine.solvent_model_param_bsol                 ? 
_refine.solvent_model_param_ksol                 ? 
_refine.pdbx_R_complete                          ? 
_refine.ls_R_factor_gt                           ? 
_refine.ls_goodness_of_fit_gt                    ? 
_refine.ls_goodness_of_fit_ref                   ? 
_refine.ls_shift_over_su_max                     ? 
_refine.ls_shift_over_su_max_lt                  ? 
_refine.ls_shift_over_su_mean                    ? 
_refine.ls_shift_over_su_mean_lt                 ? 
_refine.pdbx_ls_sigma_I                          ? 
_refine.pdbx_ls_sigma_F                          1.34 
_refine.pdbx_ls_sigma_Fsqd                       ? 
_refine.pdbx_data_cutoff_high_absF               ? 
_refine.pdbx_data_cutoff_high_rms_absF           ? 
_refine.pdbx_data_cutoff_low_absF                ? 
_refine.pdbx_isotropic_thermal_model             ? 
_refine.pdbx_ls_cross_valid_method               'FREE R-VALUE' 
_refine.pdbx_method_to_determine_struct          SAD 
_refine.pdbx_starting_model                      ? 
_refine.pdbx_stereochemistry_target_values       'GeoStd + Monomer Library + CDL v1.2' 
_refine.pdbx_R_Free_selection_details            ? 
_refine.pdbx_stereochem_target_val_spec_case     ? 
_refine.pdbx_overall_ESU_R                       ? 
_refine.pdbx_overall_ESU_R_Free                  ? 
_refine.pdbx_solvent_vdw_probe_radii             1.1000 
_refine.pdbx_solvent_ion_probe_radii             ? 
_refine.pdbx_solvent_shrinkage_radii             0.9000 
_refine.pdbx_real_space_R                        ? 
_refine.pdbx_density_correlation                 ? 
_refine.pdbx_pd_number_of_powder_patterns        ? 
_refine.pdbx_pd_number_of_points                 ? 
_refine.pdbx_pd_meas_number_of_points            ? 
_refine.pdbx_pd_proc_ls_prof_R_factor            ? 
_refine.pdbx_pd_proc_ls_prof_wR_factor           ? 
_refine.pdbx_pd_Marquardt_correlation_coeff      ? 
_refine.pdbx_pd_Fsqrd_R_factor                   ? 
_refine.pdbx_pd_ls_matrix_band_width             ? 
_refine.pdbx_overall_phase_error                 14.7501 
_refine.pdbx_overall_SU_R_free_Cruickshank_DPI   ? 
_refine.pdbx_overall_SU_R_free_Blow_DPI          ? 
_refine.pdbx_overall_SU_R_Blow_DPI               ? 
_refine.pdbx_TLS_residual_ADP_flag               ? 
_refine.pdbx_diffrn_id                           1 
_refine.overall_SU_B                             ? 
_refine.overall_SU_ML                            0.1145 
_refine.overall_SU_R_Cruickshank_DPI             ? 
_refine.overall_SU_R_free                        ? 
_refine.overall_FOM_free_R_set                   ? 
_refine.overall_FOM_work_R_set                   ? 
_refine.pdbx_average_fsc_overall                 ? 
_refine.pdbx_average_fsc_work                    ? 
_refine.pdbx_average_fsc_free                    ? 
# 
_refine_hist.pdbx_refine_id                   'X-RAY DIFFRACTION' 
_refine_hist.cycle_id                         LAST 
_refine_hist.details                          ? 
_refine_hist.d_res_high                       1.28 
_refine_hist.d_res_low                        31.02 
_refine_hist.number_atoms_solvent             25 
_refine_hist.number_atoms_total               230 
_refine_hist.number_reflns_all                ? 
_refine_hist.number_reflns_obs                ? 
_refine_hist.number_reflns_R_free             ? 
_refine_hist.number_reflns_R_work             ? 
_refine_hist.R_factor_all                     ? 
_refine_hist.R_factor_obs                     ? 
_refine_hist.R_factor_R_free                  ? 
_refine_hist.R_factor_R_work                  ? 
_refine_hist.pdbx_number_residues_total       ? 
_refine_hist.pdbx_B_iso_mean_ligand           ? 
_refine_hist.pdbx_B_iso_mean_solvent          ? 
_refine_hist.pdbx_number_atoms_protein        204 
_refine_hist.pdbx_number_atoms_nucleic_acid   0 
_refine_hist.pdbx_number_atoms_ligand         1 
_refine_hist.pdbx_number_atoms_lipid          ? 
_refine_hist.pdbx_number_atoms_carb           ? 
_refine_hist.pdbx_pseudo_atom_details         ? 
# 
loop_
_refine_ls_restr.pdbx_refine_id 
_refine_ls_restr.criterion 
_refine_ls_restr.dev_ideal 
_refine_ls_restr.dev_ideal_target 
_refine_ls_restr.number 
_refine_ls_restr.rejects 
_refine_ls_restr.type 
_refine_ls_restr.weight 
_refine_ls_restr.pdbx_restraint_function 
'X-RAY DIFFRACTION' ? 0.0058  ? 209 ? f_bond_d           ? ? 
'X-RAY DIFFRACTION' ? 0.8706  ? 283 ? f_angle_d          ? ? 
'X-RAY DIFFRACTION' ? 0.0810  ? 26  ? f_chiral_restr     ? ? 
'X-RAY DIFFRACTION' ? 0.0056  ? 39  ? f_plane_restr      ? ? 
'X-RAY DIFFRACTION' ? 15.6714 ? 77  ? f_dihedral_angle_d ? ? 
# 
_refine_ls_shell.pdbx_refine_id                   'X-RAY DIFFRACTION' 
_refine_ls_shell.d_res_high                       1.28 
_refine_ls_shell.d_res_low                        1.29 
_refine_ls_shell.number_reflns_all                ? 
_refine_ls_shell.number_reflns_obs                ? 
_refine_ls_shell.number_reflns_R_free             ? 
_refine_ls_shell.number_reflns_R_work             175 
_refine_ls_shell.percent_reflns_obs               99.43 
_refine_ls_shell.percent_reflns_R_free            ? 
_refine_ls_shell.R_factor_all                     ? 
_refine_ls_shell.R_factor_obs                     ? 
_refine_ls_shell.R_factor_R_free_error            ? 
_refine_ls_shell.R_factor_R_work                  0.2919 
_refine_ls_shell.redundancy_reflns_all            ? 
_refine_ls_shell.redundancy_reflns_obs            ? 
_refine_ls_shell.wR_factor_all                    ? 
_refine_ls_shell.wR_factor_obs                    ? 
_refine_ls_shell.wR_factor_R_free                 ? 
_refine_ls_shell.wR_factor_R_work                 ? 
_refine_ls_shell.pdbx_R_complete                  ? 
_refine_ls_shell.pdbx_total_number_of_bins_used   ? 
_refine_ls_shell.pdbx_phase_error                 ? 
_refine_ls_shell.pdbx_fsc_work                    ? 
_refine_ls_shell.pdbx_fsc_free                    ? 
_refine_ls_shell.R_factor_R_free                  ? 
# 
_struct.entry_id                     9G39 
_struct.title                        
'Crystal Structure of the artificial protein METP in complex with cadmium ion at different temperature (data set at 100 K)' 
_struct.pdbx_model_details           ? 
_struct.pdbx_formula_weight          ? 
_struct.pdbx_formula_weight_method   ? 
_struct.pdbx_model_type_details      ? 
_struct.pdbx_CASP_flag               N 
# 
_struct_keywords.entry_id        9G39 
_struct_keywords.text            'de novo design, room temperature, cadmium-sulphur cluster, denovo protein, DE NOVO PROTEIN' 
_struct_keywords.pdbx_keywords   'DE NOVO PROTEIN' 
# 
loop_
_struct_asym.id 
_struct_asym.pdbx_blank_PDB_chainid_flag 
_struct_asym.pdbx_modified 
_struct_asym.entity_id 
_struct_asym.details 
A N N 1 ? 
B N N 2 ? 
C N N 3 ? 
# 
_struct_ref.id                         1 
_struct_ref.db_name                    PDB 
_struct_ref.db_code                    9G39 
_struct_ref.pdbx_db_accession          9G39 
_struct_ref.pdbx_db_isoform            ? 
_struct_ref.entity_id                  1 
_struct_ref.pdbx_seq_one_letter_code   ? 
_struct_ref.pdbx_align_begin           1 
# 
_struct_ref_seq.align_id                      1 
_struct_ref_seq.ref_id                        1 
_struct_ref_seq.pdbx_PDB_id_code              9G39 
_struct_ref_seq.pdbx_strand_id                C 
_struct_ref_seq.seq_align_beg                 1 
_struct_ref_seq.pdbx_seq_align_beg_ins_code   ? 
_struct_ref_seq.seq_align_end                 30 
_struct_ref_seq.pdbx_seq_align_end_ins_code   ? 
_struct_ref_seq.pdbx_db_accession             9G39 
_struct_ref_seq.db_align_beg                  0 
_struct_ref_seq.pdbx_db_align_beg_ins_code    ? 
_struct_ref_seq.db_align_end                  29 
_struct_ref_seq.pdbx_db_align_end_ins_code    ? 
_struct_ref_seq.pdbx_auth_seq_align_beg       0 
_struct_ref_seq.pdbx_auth_seq_align_end       29 
# 
_pdbx_struct_assembly.id                   1 
_pdbx_struct_assembly.details              author_and_software_defined_assembly 
_pdbx_struct_assembly.method_details       PISA 
_pdbx_struct_assembly.oligomeric_details   monomeric 
_pdbx_struct_assembly.oligomeric_count     1 
# 
loop_
_pdbx_struct_assembly_prop.biol_id 
_pdbx_struct_assembly_prop.type 
_pdbx_struct_assembly_prop.value 
_pdbx_struct_assembly_prop.details 
1 'ABSA (A^2)' 270  ? 
1 MORE         -1   ? 
1 'SSA (A^2)'  1980 ? 
# 
_pdbx_struct_assembly_gen.assembly_id       1 
_pdbx_struct_assembly_gen.oper_expression   1 
_pdbx_struct_assembly_gen.asym_id_list      A,B,C 
# 
_pdbx_struct_assembly_auth_evidence.id                     1 
_pdbx_struct_assembly_auth_evidence.assembly_id            1 
_pdbx_struct_assembly_auth_evidence.experimental_support   none 
_pdbx_struct_assembly_auth_evidence.details                'PROTEIN IS CLEARLY A MONOMER' 
# 
_pdbx_struct_oper_list.id                   1 
_pdbx_struct_oper_list.type                 'identity operation' 
_pdbx_struct_oper_list.name                 1_555 
_pdbx_struct_oper_list.symmetry_operation   x,y,z 
_pdbx_struct_oper_list.matrix[1][1]         1.0000000000 
_pdbx_struct_oper_list.matrix[1][2]         0.0000000000 
_pdbx_struct_oper_list.matrix[1][3]         0.0000000000 
_pdbx_struct_oper_list.vector[1]            0.0000000000 
_pdbx_struct_oper_list.matrix[2][1]         0.0000000000 
_pdbx_struct_oper_list.matrix[2][2]         1.0000000000 
_pdbx_struct_oper_list.matrix[2][3]         0.0000000000 
_pdbx_struct_oper_list.vector[2]            0.0000000000 
_pdbx_struct_oper_list.matrix[3][1]         0.0000000000 
_pdbx_struct_oper_list.matrix[3][2]         0.0000000000 
_pdbx_struct_oper_list.matrix[3][3]         1.0000000000 
_pdbx_struct_oper_list.vector[3]            0.0000000000 
# 
loop_
_struct_conf.conf_type_id 
_struct_conf.id 
_struct_conf.pdbx_PDB_helix_id 
_struct_conf.beg_label_comp_id 
_struct_conf.beg_label_asym_id 
_struct_conf.beg_label_seq_id 
_struct_conf.pdbx_beg_PDB_ins_code 
_struct_conf.end_label_comp_id 
_struct_conf.end_label_asym_id 
_struct_conf.end_label_seq_id 
_struct_conf.pdbx_end_PDB_ins_code 
_struct_conf.beg_auth_comp_id 
_struct_conf.beg_auth_asym_id 
_struct_conf.beg_auth_seq_id 
_struct_conf.end_auth_comp_id 
_struct_conf.end_auth_asym_id 
_struct_conf.end_auth_seq_id 
_struct_conf.pdbx_PDB_helix_class 
_struct_conf.details 
_struct_conf.pdbx_PDB_helix_length 
HELX_P HELX_P1 AA1 ASP A 9  ? SER A 11 ? ASP C 8  SER C 10 5 ? 3 
HELX_P HELX_P2 AA2 SER A 24 ? ASP A 26 ? SER C 23 ASP C 25 5 ? 3 
# 
_struct_conf_type.id          HELX_P 
_struct_conf_type.criteria    ? 
_struct_conf_type.reference   ? 
# 
loop_
_struct_conn.id 
_struct_conn.conn_type_id 
_struct_conn.pdbx_leaving_atom_flag 
_struct_conn.pdbx_PDB_id 
_struct_conn.ptnr1_label_asym_id 
_struct_conn.ptnr1_label_comp_id 
_struct_conn.ptnr1_label_seq_id 
_struct_conn.ptnr1_label_atom_id 
_struct_conn.pdbx_ptnr1_label_alt_id 
_struct_conn.pdbx_ptnr1_PDB_ins_code 
_struct_conn.pdbx_ptnr1_standard_comp_id 
_struct_conn.ptnr1_symmetry 
_struct_conn.ptnr2_label_asym_id 
_struct_conn.ptnr2_label_comp_id 
_struct_conn.ptnr2_label_seq_id 
_struct_conn.ptnr2_label_atom_id 
_struct_conn.pdbx_ptnr2_label_alt_id 
_struct_conn.pdbx_ptnr2_PDB_ins_code 
_struct_conn.ptnr1_auth_asym_id 
_struct_conn.ptnr1_auth_comp_id 
_struct_conn.ptnr1_auth_seq_id 
_struct_conn.ptnr2_auth_asym_id 
_struct_conn.ptnr2_auth_comp_id 
_struct_conn.ptnr2_auth_seq_id 
_struct_conn.ptnr2_symmetry 
_struct_conn.pdbx_ptnr3_label_atom_id 
_struct_conn.pdbx_ptnr3_label_seq_id 
_struct_conn.pdbx_ptnr3_label_comp_id 
_struct_conn.pdbx_ptnr3_label_asym_id 
_struct_conn.pdbx_ptnr3_label_alt_id 
_struct_conn.pdbx_ptnr3_PDB_ins_code 
_struct_conn.details 
_struct_conn.pdbx_dist_value 
_struct_conn.pdbx_value_order 
_struct_conn.pdbx_role 
covale1 covale both ? A ACE 1  C  ? ? ? 1_555 A TYR 2  N  ? ? C ACE 0  C TYR 1   1_555 ? ? ? ? ? ? ? 1.340 ? ? 
covale2 covale both ? A ASP 9  C  ? ? ? 1_555 A AIB 10 N  ? ? C ASP 8  C AIB 9   1_555 ? ? ? ? ? ? ? 1.333 ? ? 
covale3 covale both ? A AIB 10 C  ? ? ? 1_555 A SER 11 N  ? ? C AIB 9  C SER 10  1_555 ? ? ? ? ? ? ? 1.327 ? ? 
covale4 covale both ? A SER 24 C  ? ? ? 1_555 A AIB 25 N  ? ? C SER 23 C AIB 24  1_555 ? ? ? ? ? ? ? 1.332 ? ? 
covale5 covale both ? A AIB 25 C  ? ? ? 1_555 A ASP 26 N  ? ? C AIB 24 C ASP 25  1_555 ? ? ? ? ? ? ? 1.328 ? ? 
covale6 covale both ? A ARG 29 C  ? ? ? 1_555 A NH2 30 N  ? ? C ARG 28 C NH2 29  1_555 ? ? ? ? ? ? ? 1.428 ? ? 
metalc1 metalc ?    ? A CYS 3  SG ? ? ? 1_555 B CD  .  CD ? ? C CYS 2  C CD  101 1_555 ? ? ? ? ? ? ? 2.535 ? ? 
metalc2 metalc ?    ? A CYS 6  SG ? ? ? 1_555 B CD  .  CD ? ? C CYS 5  C CD  101 1_555 ? ? ? ? ? ? ? 2.590 ? ? 
metalc3 metalc ?    ? A CYS 18 SG ? ? ? 1_555 B CD  .  CD ? ? C CYS 17 C CD  101 1_555 ? ? ? ? ? ? ? 2.579 ? ? 
metalc4 metalc ?    ? A CYS 21 SG ? ? ? 1_555 B CD  .  CD ? ? C CYS 20 C CD  101 1_555 ? ? ? ? ? ? ? 2.567 ? ? 
# 
loop_
_struct_conn_type.id 
_struct_conn_type.criteria 
_struct_conn_type.reference 
covale ? ? 
metalc ? ? 
# 
loop_
_pdbx_struct_conn_angle.id 
_pdbx_struct_conn_angle.ptnr1_label_atom_id 
_pdbx_struct_conn_angle.ptnr1_label_alt_id 
_pdbx_struct_conn_angle.ptnr1_label_asym_id 
_pdbx_struct_conn_angle.ptnr1_label_comp_id 
_pdbx_struct_conn_angle.ptnr1_label_seq_id 
_pdbx_struct_conn_angle.ptnr1_auth_atom_id 
_pdbx_struct_conn_angle.ptnr1_auth_asym_id 
_pdbx_struct_conn_angle.ptnr1_auth_comp_id 
_pdbx_struct_conn_angle.ptnr1_auth_seq_id 
_pdbx_struct_conn_angle.ptnr1_PDB_ins_code 
_pdbx_struct_conn_angle.ptnr1_symmetry 
_pdbx_struct_conn_angle.ptnr2_label_atom_id 
_pdbx_struct_conn_angle.ptnr2_label_alt_id 
_pdbx_struct_conn_angle.ptnr2_label_asym_id 
_pdbx_struct_conn_angle.ptnr2_label_comp_id 
_pdbx_struct_conn_angle.ptnr2_label_seq_id 
_pdbx_struct_conn_angle.ptnr2_auth_atom_id 
_pdbx_struct_conn_angle.ptnr2_auth_asym_id 
_pdbx_struct_conn_angle.ptnr2_auth_comp_id 
_pdbx_struct_conn_angle.ptnr2_auth_seq_id 
_pdbx_struct_conn_angle.ptnr2_PDB_ins_code 
_pdbx_struct_conn_angle.ptnr2_symmetry 
_pdbx_struct_conn_angle.ptnr3_label_atom_id 
_pdbx_struct_conn_angle.ptnr3_label_alt_id 
_pdbx_struct_conn_angle.ptnr3_label_asym_id 
_pdbx_struct_conn_angle.ptnr3_label_comp_id 
_pdbx_struct_conn_angle.ptnr3_label_seq_id 
_pdbx_struct_conn_angle.ptnr3_auth_atom_id 
_pdbx_struct_conn_angle.ptnr3_auth_asym_id 
_pdbx_struct_conn_angle.ptnr3_auth_comp_id 
_pdbx_struct_conn_angle.ptnr3_auth_seq_id 
_pdbx_struct_conn_angle.ptnr3_PDB_ins_code 
_pdbx_struct_conn_angle.ptnr3_symmetry 
_pdbx_struct_conn_angle.value 
_pdbx_struct_conn_angle.value_esd 
1 SG ? A CYS 3  ? C CYS 2  ? 1_555 CD ? B CD . ? C CD 101 ? 1_555 SG ? A CYS 6  ? C CYS 5  ? 1_555 113.8 ? 
2 SG ? A CYS 3  ? C CYS 2  ? 1_555 CD ? B CD . ? C CD 101 ? 1_555 SG ? A CYS 18 ? C CYS 17 ? 1_555 110.9 ? 
3 SG ? A CYS 6  ? C CYS 5  ? 1_555 CD ? B CD . ? C CD 101 ? 1_555 SG ? A CYS 18 ? C CYS 17 ? 1_555 104.1 ? 
4 SG ? A CYS 3  ? C CYS 2  ? 1_555 CD ? B CD . ? C CD 101 ? 1_555 SG ? A CYS 21 ? C CYS 20 ? 1_555 107.4 ? 
5 SG ? A CYS 6  ? C CYS 5  ? 1_555 CD ? B CD . ? C CD 101 ? 1_555 SG ? A CYS 21 ? C CYS 20 ? 1_555 112.3 ? 
6 SG ? A CYS 18 ? C CYS 17 ? 1_555 CD ? B CD . ? C CD 101 ? 1_555 SG ? A CYS 21 ? C CYS 20 ? 1_555 108.3 ? 
# 
loop_
_pdbx_modification_feature.ordinal 
_pdbx_modification_feature.label_comp_id 
_pdbx_modification_feature.label_asym_id 
_pdbx_modification_feature.label_seq_id 
_pdbx_modification_feature.label_alt_id 
_pdbx_modification_feature.modified_residue_label_comp_id 
_pdbx_modification_feature.modified_residue_label_asym_id 
_pdbx_modification_feature.modified_residue_label_seq_id 
_pdbx_modification_feature.modified_residue_label_alt_id 
_pdbx_modification_feature.auth_comp_id 
_pdbx_modification_feature.auth_asym_id 
_pdbx_modification_feature.auth_seq_id 
_pdbx_modification_feature.PDB_ins_code 
_pdbx_modification_feature.symmetry 
_pdbx_modification_feature.modified_residue_auth_comp_id 
_pdbx_modification_feature.modified_residue_auth_asym_id 
_pdbx_modification_feature.modified_residue_auth_seq_id 
_pdbx_modification_feature.modified_residue_PDB_ins_code 
_pdbx_modification_feature.modified_residue_symmetry 
_pdbx_modification_feature.comp_id_linking_atom 
_pdbx_modification_feature.modified_residue_id_linking_atom 
_pdbx_modification_feature.modified_residue_id 
_pdbx_modification_feature.ref_pcm_id 
_pdbx_modification_feature.ref_comp_id 
_pdbx_modification_feature.type 
_pdbx_modification_feature.category 
1 AIB A 10 ? .   . .  . AIB C 9  ? 1_555 .   . .  . .     . . ALA 1 AIB Methylation 'Named protein modification' 
2 AIB A 25 ? .   . .  . AIB C 24 ? 1_555 .   . .  . .     . . ALA 1 AIB Methylation 'Named protein modification' 
3 ACE A 1  ? TYR A 2  ? ACE C 0  ? 1_555 TYR C 1  ? 1_555 . . TYR 5 ACE None        'Terminal acetylation'       
4 NH2 A 30 ? ARG A 29 ? NH2 C 29 ? 1_555 ARG C 28 ? 1_555 . . ARG 8 NH2 None        'Terminal amidation'         
# 
loop_
_struct_sheet.id 
_struct_sheet.type 
_struct_sheet.number_strands 
_struct_sheet.details 
AA1 ? 2 ? 
AA2 ? 2 ? 
# 
loop_
_struct_sheet_order.sheet_id 
_struct_sheet_order.range_id_1 
_struct_sheet_order.range_id_2 
_struct_sheet_order.offset 
_struct_sheet_order.sense 
AA1 1 2 ? anti-parallel 
AA2 1 2 ? anti-parallel 
# 
loop_
_struct_sheet_range.sheet_id 
_struct_sheet_range.id 
_struct_sheet_range.beg_label_comp_id 
_struct_sheet_range.beg_label_asym_id 
_struct_sheet_range.beg_label_seq_id 
_struct_sheet_range.pdbx_beg_PDB_ins_code 
_struct_sheet_range.end_label_comp_id 
_struct_sheet_range.end_label_asym_id 
_struct_sheet_range.end_label_seq_id 
_struct_sheet_range.pdbx_end_PDB_ins_code 
_struct_sheet_range.beg_auth_comp_id 
_struct_sheet_range.beg_auth_asym_id 
_struct_sheet_range.beg_auth_seq_id 
_struct_sheet_range.end_auth_comp_id 
_struct_sheet_range.end_auth_asym_id 
_struct_sheet_range.end_auth_seq_id 
AA1 1 TYR A 2  ? CYS A 3  ? TYR C 1  CYS C 2  
AA1 2 ILE A 28 ? ARG A 29 ? ILE C 27 ARG C 28 
AA2 1 VAL A 13 ? ARG A 14 ? VAL C 12 ARG C 13 
AA2 2 TYR A 17 ? CYS A 18 ? TYR C 16 CYS C 17 
# 
loop_
_pdbx_struct_sheet_hbond.sheet_id 
_pdbx_struct_sheet_hbond.range_id_1 
_pdbx_struct_sheet_hbond.range_id_2 
_pdbx_struct_sheet_hbond.range_1_label_atom_id 
_pdbx_struct_sheet_hbond.range_1_label_comp_id 
_pdbx_struct_sheet_hbond.range_1_label_asym_id 
_pdbx_struct_sheet_hbond.range_1_label_seq_id 
_pdbx_struct_sheet_hbond.range_1_PDB_ins_code 
_pdbx_struct_sheet_hbond.range_1_auth_atom_id 
_pdbx_struct_sheet_hbond.range_1_auth_comp_id 
_pdbx_struct_sheet_hbond.range_1_auth_asym_id 
_pdbx_struct_sheet_hbond.range_1_auth_seq_id 
_pdbx_struct_sheet_hbond.range_2_label_atom_id 
_pdbx_struct_sheet_hbond.range_2_label_comp_id 
_pdbx_struct_sheet_hbond.range_2_label_asym_id 
_pdbx_struct_sheet_hbond.range_2_label_seq_id 
_pdbx_struct_sheet_hbond.range_2_PDB_ins_code 
_pdbx_struct_sheet_hbond.range_2_auth_atom_id 
_pdbx_struct_sheet_hbond.range_2_auth_comp_id 
_pdbx_struct_sheet_hbond.range_2_auth_asym_id 
_pdbx_struct_sheet_hbond.range_2_auth_seq_id 
AA1 1 2 N TYR A 2  ? N TYR C 1  O ARG A 29 ? O ARG C 28 
AA2 1 2 N ARG A 14 ? N ARG C 13 O TYR A 17 ? O TYR C 16 
# 
_pdbx_entry_details.entry_id                   9G39 
_pdbx_entry_details.nonpolymer_details         ? 
_pdbx_entry_details.sequence_details           ? 
_pdbx_entry_details.compound_details           ? 
_pdbx_entry_details.source_details             ? 
_pdbx_entry_details.has_ligand_of_interest     Y 
_pdbx_entry_details.has_protein_modification   Y 
# 
loop_
_pdbx_validate_symm_contact.id 
_pdbx_validate_symm_contact.PDB_model_num 
_pdbx_validate_symm_contact.auth_atom_id_1 
_pdbx_validate_symm_contact.auth_asym_id_1 
_pdbx_validate_symm_contact.auth_comp_id_1 
_pdbx_validate_symm_contact.auth_seq_id_1 
_pdbx_validate_symm_contact.PDB_ins_code_1 
_pdbx_validate_symm_contact.label_alt_id_1 
_pdbx_validate_symm_contact.site_symmetry_1 
_pdbx_validate_symm_contact.auth_atom_id_2 
_pdbx_validate_symm_contact.auth_asym_id_2 
_pdbx_validate_symm_contact.auth_comp_id_2 
_pdbx_validate_symm_contact.auth_seq_id_2 
_pdbx_validate_symm_contact.PDB_ins_code_2 
_pdbx_validate_symm_contact.label_alt_id_2 
_pdbx_validate_symm_contact.site_symmetry_2 
_pdbx_validate_symm_contact.dist 
1 1 O C HOH 225 ? ? 1_555 O C HOH 225 ? ? 4_556 1.80 
2 1 O C HOH 221 ? ? 1_555 O C HOH 221 ? ? 4_556 2.03 
3 1 O C HOH 204 ? ? 1_555 O C HOH 221 ? ? 4_556 2.11 
4 1 O C HOH 213 ? ? 1_555 O C HOH 213 ? ? 3_556 2.14 
# 
_pdbx_struct_special_symmetry.id              1 
_pdbx_struct_special_symmetry.PDB_model_num   1 
_pdbx_struct_special_symmetry.auth_asym_id    C 
_pdbx_struct_special_symmetry.auth_comp_id    HOH 
_pdbx_struct_special_symmetry.auth_seq_id     206 
_pdbx_struct_special_symmetry.PDB_ins_code    ? 
_pdbx_struct_special_symmetry.label_asym_id   C 
_pdbx_struct_special_symmetry.label_comp_id   HOH 
_pdbx_struct_special_symmetry.label_seq_id    . 
# 
loop_
_space_group_symop.id 
_space_group_symop.operation_xyz 
1 x,y,z               
2 x,-y,-z             
3 -x,y,-z+1/2         
4 -x,-y,z+1/2         
5 x+1/2,y+1/2,z       
6 x+1/2,-y+1/2,-z     
7 -x+1/2,y+1/2,-z+1/2 
8 -x+1/2,-y+1/2,z+1/2 
# 
loop_
_chem_comp_atom.comp_id 
_chem_comp_atom.atom_id 
_chem_comp_atom.type_symbol 
_chem_comp_atom.pdbx_aromatic_flag 
_chem_comp_atom.pdbx_stereo_config 
_chem_comp_atom.pdbx_ordinal 
ACE C    C  N N 1   
ACE O    O  N N 2   
ACE CH3  C  N N 3   
ACE H    H  N N 4   
ACE H1   H  N N 5   
ACE H2   H  N N 6   
ACE H3   H  N N 7   
AIB N    N  N N 8   
AIB CA   C  N N 9   
AIB C    C  N N 10  
AIB O    O  N N 11  
AIB OXT  O  N N 12  
AIB CB1  C  N N 13  
AIB CB2  C  N N 14  
AIB H    H  N N 15  
AIB H2   H  N N 16  
AIB HXT  H  N N 17  
AIB HB11 H  N N 18  
AIB HB12 H  N N 19  
AIB HB13 H  N N 20  
AIB HB21 H  N N 21  
AIB HB22 H  N N 22  
AIB HB23 H  N N 23  
ALA N    N  N N 24  
ALA CA   C  N S 25  
ALA C    C  N N 26  
ALA O    O  N N 27  
ALA CB   C  N N 28  
ALA OXT  O  N N 29  
ALA H    H  N N 30  
ALA H2   H  N N 31  
ALA HA   H  N N 32  
ALA HB1  H  N N 33  
ALA HB2  H  N N 34  
ALA HB3  H  N N 35  
ALA HXT  H  N N 36  
ARG N    N  N N 37  
ARG CA   C  N S 38  
ARG C    C  N N 39  
ARG O    O  N N 40  
ARG CB   C  N N 41  
ARG CG   C  N N 42  
ARG CD   C  N N 43  
ARG NE   N  N N 44  
ARG CZ   C  N N 45  
ARG NH1  N  N N 46  
ARG NH2  N  N N 47  
ARG OXT  O  N N 48  
ARG H    H  N N 49  
ARG H2   H  N N 50  
ARG HA   H  N N 51  
ARG HB2  H  N N 52  
ARG HB3  H  N N 53  
ARG HG2  H  N N 54  
ARG HG3  H  N N 55  
ARG HD2  H  N N 56  
ARG HD3  H  N N 57  
ARG HE   H  N N 58  
ARG HH11 H  N N 59  
ARG HH12 H  N N 60  
ARG HH21 H  N N 61  
ARG HH22 H  N N 62  
ARG HXT  H  N N 63  
ASN N    N  N N 64  
ASN CA   C  N S 65  
ASN C    C  N N 66  
ASN O    O  N N 67  
ASN CB   C  N N 68  
ASN CG   C  N N 69  
ASN OD1  O  N N 70  
ASN ND2  N  N N 71  
ASN OXT  O  N N 72  
ASN H    H  N N 73  
ASN H2   H  N N 74  
ASN HA   H  N N 75  
ASN HB2  H  N N 76  
ASN HB3  H  N N 77  
ASN HD21 H  N N 78  
ASN HD22 H  N N 79  
ASN HXT  H  N N 80  
ASP N    N  N N 81  
ASP CA   C  N S 82  
ASP C    C  N N 83  
ASP O    O  N N 84  
ASP CB   C  N N 85  
ASP CG   C  N N 86  
ASP OD1  O  N N 87  
ASP OD2  O  N N 88  
ASP OXT  O  N N 89  
ASP H    H  N N 90  
ASP H2   H  N N 91  
ASP HA   H  N N 92  
ASP HB2  H  N N 93  
ASP HB3  H  N N 94  
ASP HD2  H  N N 95  
ASP HXT  H  N N 96  
CD  CD   CD N N 97  
CYS N    N  N N 98  
CYS CA   C  N R 99  
CYS C    C  N N 100 
CYS O    O  N N 101 
CYS CB   C  N N 102 
CYS SG   S  N N 103 
CYS OXT  O  N N 104 
CYS H    H  N N 105 
CYS H2   H  N N 106 
CYS HA   H  N N 107 
CYS HB2  H  N N 108 
CYS HB3  H  N N 109 
CYS HG   H  N N 110 
CYS HXT  H  N N 111 
GLN N    N  N N 112 
GLN CA   C  N S 113 
GLN C    C  N N 114 
GLN O    O  N N 115 
GLN CB   C  N N 116 
GLN CG   C  N N 117 
GLN CD   C  N N 118 
GLN OE1  O  N N 119 
GLN NE2  N  N N 120 
GLN OXT  O  N N 121 
GLN H    H  N N 122 
GLN H2   H  N N 123 
GLN HA   H  N N 124 
GLN HB2  H  N N 125 
GLN HB3  H  N N 126 
GLN HG2  H  N N 127 
GLN HG3  H  N N 128 
GLN HE21 H  N N 129 
GLN HE22 H  N N 130 
GLN HXT  H  N N 131 
GLY N    N  N N 132 
GLY CA   C  N N 133 
GLY C    C  N N 134 
GLY O    O  N N 135 
GLY OXT  O  N N 136 
GLY H    H  N N 137 
GLY H2   H  N N 138 
GLY HA2  H  N N 139 
GLY HA3  H  N N 140 
GLY HXT  H  N N 141 
HOH O    O  N N 142 
HOH H1   H  N N 143 
HOH H2   H  N N 144 
ILE N    N  N N 145 
ILE CA   C  N S 146 
ILE C    C  N N 147 
ILE O    O  N N 148 
ILE CB   C  N S 149 
ILE CG1  C  N N 150 
ILE CG2  C  N N 151 
ILE CD1  C  N N 152 
ILE OXT  O  N N 153 
ILE H    H  N N 154 
ILE H2   H  N N 155 
ILE HA   H  N N 156 
ILE HB   H  N N 157 
ILE HG12 H  N N 158 
ILE HG13 H  N N 159 
ILE HG21 H  N N 160 
ILE HG22 H  N N 161 
ILE HG23 H  N N 162 
ILE HD11 H  N N 163 
ILE HD12 H  N N 164 
ILE HD13 H  N N 165 
ILE HXT  H  N N 166 
NH2 N    N  N N 167 
NH2 HN1  H  N N 168 
NH2 HN2  H  N N 169 
SER N    N  N N 170 
SER CA   C  N S 171 
SER C    C  N N 172 
SER O    O  N N 173 
SER CB   C  N N 174 
SER OG   O  N N 175 
SER OXT  O  N N 176 
SER H    H  N N 177 
SER H2   H  N N 178 
SER HA   H  N N 179 
SER HB2  H  N N 180 
SER HB3  H  N N 181 
SER HG   H  N N 182 
SER HXT  H  N N 183 
THR N    N  N N 184 
THR CA   C  N S 185 
THR C    C  N N 186 
THR O    O  N N 187 
THR CB   C  N R 188 
THR OG1  O  N N 189 
THR CG2  C  N N 190 
THR OXT  O  N N 191 
THR H    H  N N 192 
THR H2   H  N N 193 
THR HA   H  N N 194 
THR HB   H  N N 195 
THR HG1  H  N N 196 
THR HG21 H  N N 197 
THR HG22 H  N N 198 
THR HG23 H  N N 199 
THR HXT  H  N N 200 
TYR N    N  N N 201 
TYR CA   C  N S 202 
TYR C    C  N N 203 
TYR O    O  N N 204 
TYR CB   C  N N 205 
TYR CG   C  Y N 206 
TYR CD1  C  Y N 207 
TYR CD2  C  Y N 208 
TYR CE1  C  Y N 209 
TYR CE2  C  Y N 210 
TYR CZ   C  Y N 211 
TYR OH   O  N N 212 
TYR OXT  O  N N 213 
TYR H    H  N N 214 
TYR H2   H  N N 215 
TYR HA   H  N N 216 
TYR HB2  H  N N 217 
TYR HB3  H  N N 218 
TYR HD1  H  N N 219 
TYR HD2  H  N N 220 
TYR HE1  H  N N 221 
TYR HE2  H  N N 222 
TYR HH   H  N N 223 
TYR HXT  H  N N 224 
VAL N    N  N N 225 
VAL CA   C  N S 226 
VAL C    C  N N 227 
VAL O    O  N N 228 
VAL CB   C  N N 229 
VAL CG1  C  N N 230 
VAL CG2  C  N N 231 
VAL OXT  O  N N 232 
VAL H    H  N N 233 
VAL H2   H  N N 234 
VAL HA   H  N N 235 
VAL HB   H  N N 236 
VAL HG11 H  N N 237 
VAL HG12 H  N N 238 
VAL HG13 H  N N 239 
VAL HG21 H  N N 240 
VAL HG22 H  N N 241 
VAL HG23 H  N N 242 
VAL HXT  H  N N 243 
# 
loop_
_chem_comp_bond.comp_id 
_chem_comp_bond.atom_id_1 
_chem_comp_bond.atom_id_2 
_chem_comp_bond.value_order 
_chem_comp_bond.pdbx_aromatic_flag 
_chem_comp_bond.pdbx_stereo_config 
_chem_comp_bond.pdbx_ordinal 
ACE C   O    doub N N 1   
ACE C   CH3  sing N N 2   
ACE C   H    sing N N 3   
ACE CH3 H1   sing N N 4   
ACE CH3 H2   sing N N 5   
ACE CH3 H3   sing N N 6   
AIB N   CA   sing N N 7   
AIB N   H    sing N N 8   
AIB N   H2   sing N N 9   
AIB CA  C    sing N N 10  
AIB CA  CB1  sing N N 11  
AIB CA  CB2  sing N N 12  
AIB C   O    doub N N 13  
AIB C   OXT  sing N N 14  
AIB OXT HXT  sing N N 15  
AIB CB1 HB11 sing N N 16  
AIB CB1 HB12 sing N N 17  
AIB CB1 HB13 sing N N 18  
AIB CB2 HB21 sing N N 19  
AIB CB2 HB22 sing N N 20  
AIB CB2 HB23 sing N N 21  
ALA N   CA   sing N N 22  
ALA N   H    sing N N 23  
ALA N   H2   sing N N 24  
ALA CA  C    sing N N 25  
ALA CA  CB   sing N N 26  
ALA CA  HA   sing N N 27  
ALA C   O    doub N N 28  
ALA C   OXT  sing N N 29  
ALA CB  HB1  sing N N 30  
ALA CB  HB2  sing N N 31  
ALA CB  HB3  sing N N 32  
ALA OXT HXT  sing N N 33  
ARG N   CA   sing N N 34  
ARG N   H    sing N N 35  
ARG N   H2   sing N N 36  
ARG CA  C    sing N N 37  
ARG CA  CB   sing N N 38  
ARG CA  HA   sing N N 39  
ARG C   O    doub N N 40  
ARG C   OXT  sing N N 41  
ARG CB  CG   sing N N 42  
ARG CB  HB2  sing N N 43  
ARG CB  HB3  sing N N 44  
ARG CG  CD   sing N N 45  
ARG CG  HG2  sing N N 46  
ARG CG  HG3  sing N N 47  
ARG CD  NE   sing N N 48  
ARG CD  HD2  sing N N 49  
ARG CD  HD3  sing N N 50  
ARG NE  CZ   sing N N 51  
ARG NE  HE   sing N N 52  
ARG CZ  NH1  sing N N 53  
ARG CZ  NH2  doub N N 54  
ARG NH1 HH11 sing N N 55  
ARG NH1 HH12 sing N N 56  
ARG NH2 HH21 sing N N 57  
ARG NH2 HH22 sing N N 58  
ARG OXT HXT  sing N N 59  
ASN N   CA   sing N N 60  
ASN N   H    sing N N 61  
ASN N   H2   sing N N 62  
ASN CA  C    sing N N 63  
ASN CA  CB   sing N N 64  
ASN CA  HA   sing N N 65  
ASN C   O    doub N N 66  
ASN C   OXT  sing N N 67  
ASN CB  CG   sing N N 68  
ASN CB  HB2  sing N N 69  
ASN CB  HB3  sing N N 70  
ASN CG  OD1  doub N N 71  
ASN CG  ND2  sing N N 72  
ASN ND2 HD21 sing N N 73  
ASN ND2 HD22 sing N N 74  
ASN OXT HXT  sing N N 75  
ASP N   CA   sing N N 76  
ASP N   H    sing N N 77  
ASP N   H2   sing N N 78  
ASP CA  C    sing N N 79  
ASP CA  CB   sing N N 80  
ASP CA  HA   sing N N 81  
ASP C   O    doub N N 82  
ASP C   OXT  sing N N 83  
ASP CB  CG   sing N N 84  
ASP CB  HB2  sing N N 85  
ASP CB  HB3  sing N N 86  
ASP CG  OD1  doub N N 87  
ASP CG  OD2  sing N N 88  
ASP OD2 HD2  sing N N 89  
ASP OXT HXT  sing N N 90  
CYS N   CA   sing N N 91  
CYS N   H    sing N N 92  
CYS N   H2   sing N N 93  
CYS CA  C    sing N N 94  
CYS CA  CB   sing N N 95  
CYS CA  HA   sing N N 96  
CYS C   O    doub N N 97  
CYS C   OXT  sing N N 98  
CYS CB  SG   sing N N 99  
CYS CB  HB2  sing N N 100 
CYS CB  HB3  sing N N 101 
CYS SG  HG   sing N N 102 
CYS OXT HXT  sing N N 103 
GLN N   CA   sing N N 104 
GLN N   H    sing N N 105 
GLN N   H2   sing N N 106 
GLN CA  C    sing N N 107 
GLN CA  CB   sing N N 108 
GLN CA  HA   sing N N 109 
GLN C   O    doub N N 110 
GLN C   OXT  sing N N 111 
GLN CB  CG   sing N N 112 
GLN CB  HB2  sing N N 113 
GLN CB  HB3  sing N N 114 
GLN CG  CD   sing N N 115 
GLN CG  HG2  sing N N 116 
GLN CG  HG3  sing N N 117 
GLN CD  OE1  doub N N 118 
GLN CD  NE2  sing N N 119 
GLN NE2 HE21 sing N N 120 
GLN NE2 HE22 sing N N 121 
GLN OXT HXT  sing N N 122 
GLY N   CA   sing N N 123 
GLY N   H    sing N N 124 
GLY N   H2   sing N N 125 
GLY CA  C    sing N N 126 
GLY CA  HA2  sing N N 127 
GLY CA  HA3  sing N N 128 
GLY C   O    doub N N 129 
GLY C   OXT  sing N N 130 
GLY OXT HXT  sing N N 131 
HOH O   H1   sing N N 132 
HOH O   H2   sing N N 133 
ILE N   CA   sing N N 134 
ILE N   H    sing N N 135 
ILE N   H2   sing N N 136 
ILE CA  C    sing N N 137 
ILE CA  CB   sing N N 138 
ILE CA  HA   sing N N 139 
ILE C   O    doub N N 140 
ILE C   OXT  sing N N 141 
ILE CB  CG1  sing N N 142 
ILE CB  CG2  sing N N 143 
ILE CB  HB   sing N N 144 
ILE CG1 CD1  sing N N 145 
ILE CG1 HG12 sing N N 146 
ILE CG1 HG13 sing N N 147 
ILE CG2 HG21 sing N N 148 
ILE CG2 HG22 sing N N 149 
ILE CG2 HG23 sing N N 150 
ILE CD1 HD11 sing N N 151 
ILE CD1 HD12 sing N N 152 
ILE CD1 HD13 sing N N 153 
ILE OXT HXT  sing N N 154 
NH2 N   HN1  sing N N 155 
NH2 N   HN2  sing N N 156 
SER N   CA   sing N N 157 
SER N   H    sing N N 158 
SER N   H2   sing N N 159 
SER CA  C    sing N N 160 
SER CA  CB   sing N N 161 
SER CA  HA   sing N N 162 
SER C   O    doub N N 163 
SER C   OXT  sing N N 164 
SER CB  OG   sing N N 165 
SER CB  HB2  sing N N 166 
SER CB  HB3  sing N N 167 
SER OG  HG   sing N N 168 
SER OXT HXT  sing N N 169 
THR N   CA   sing N N 170 
THR N   H    sing N N 171 
THR N   H2   sing N N 172 
THR CA  C    sing N N 173 
THR CA  CB   sing N N 174 
THR CA  HA   sing N N 175 
THR C   O    doub N N 176 
THR C   OXT  sing N N 177 
THR CB  OG1  sing N N 178 
THR CB  CG2  sing N N 179 
THR CB  HB   sing N N 180 
THR OG1 HG1  sing N N 181 
THR CG2 HG21 sing N N 182 
THR CG2 HG22 sing N N 183 
THR CG2 HG23 sing N N 184 
THR OXT HXT  sing N N 185 
TYR N   CA   sing N N 186 
TYR N   H    sing N N 187 
TYR N   H2   sing N N 188 
TYR CA  C    sing N N 189 
TYR CA  CB   sing N N 190 
TYR CA  HA   sing N N 191 
TYR C   O    doub N N 192 
TYR C   OXT  sing N N 193 
TYR CB  CG   sing N N 194 
TYR CB  HB2  sing N N 195 
TYR CB  HB3  sing N N 196 
TYR CG  CD1  doub Y N 197 
TYR CG  CD2  sing Y N 198 
TYR CD1 CE1  sing Y N 199 
TYR CD1 HD1  sing N N 200 
TYR CD2 CE2  doub Y N 201 
TYR CD2 HD2  sing N N 202 
TYR CE1 CZ   doub Y N 203 
TYR CE1 HE1  sing N N 204 
TYR CE2 CZ   sing Y N 205 
TYR CE2 HE2  sing N N 206 
TYR CZ  OH   sing N N 207 
TYR OH  HH   sing N N 208 
TYR OXT HXT  sing N N 209 
VAL N   CA   sing N N 210 
VAL N   H    sing N N 211 
VAL N   H2   sing N N 212 
VAL CA  C    sing N N 213 
VAL CA  CB   sing N N 214 
VAL CA  HA   sing N N 215 
VAL C   O    doub N N 216 
VAL C   OXT  sing N N 217 
VAL CB  CG1  sing N N 218 
VAL CB  CG2  sing N N 219 
VAL CB  HB   sing N N 220 
VAL CG1 HG11 sing N N 221 
VAL CG1 HG12 sing N N 222 
VAL CG1 HG13 sing N N 223 
VAL CG2 HG21 sing N N 224 
VAL CG2 HG22 sing N N 225 
VAL CG2 HG23 sing N N 226 
VAL OXT HXT  sing N N 227 
# 
_pdbx_audit_support.funding_organization   
'NextGenerationEU-MUR PNRR Extended Partnership initiative on Emerging Infectious Diseases (INF-ACT)' 
_pdbx_audit_support.country                Italy 
_pdbx_audit_support.grant_number           'CUP H53D23007950001' 
_pdbx_audit_support.ordinal                1 
# 
_space_group.name_H-M_alt     'C 2 2 21' 
_space_group.name_Hall        'C 2c 2' 
_space_group.IT_number        20 
_space_group.crystal_system   orthorhombic 
_space_group.id               1 
# 
_atom_sites.entry_id                    9G39 
_atom_sites.Cartn_transf_matrix[1][1]   ? 
_atom_sites.Cartn_transf_matrix[1][2]   ? 
_atom_sites.Cartn_transf_matrix[1][3]   ? 
_atom_sites.Cartn_transf_matrix[2][1]   ? 
_atom_sites.Cartn_transf_matrix[2][2]   ? 
_atom_sites.Cartn_transf_matrix[2][3]   ? 
_atom_sites.Cartn_transf_matrix[3][1]   ? 
_atom_sites.Cartn_transf_matrix[3][2]   ? 
_atom_sites.Cartn_transf_matrix[3][3]   ? 
_atom_sites.Cartn_transf_vector[1]      ? 
_atom_sites.Cartn_transf_vector[2]      ? 
_atom_sites.Cartn_transf_vector[3]      ? 
_atom_sites.Cartn_transform_axes        ? 
_atom_sites.fract_transf_matrix[1][1]   0.01621799 
_atom_sites.fract_transf_matrix[1][2]   -0.01341374 
_atom_sites.fract_transf_matrix[1][3]   0.01687462 
_atom_sites.fract_transf_matrix[2][1]   -0.00912730 
_atom_sites.fract_transf_matrix[2][2]   0.00626141 
_atom_sites.fract_transf_matrix[2][3]   0.01374936 
_atom_sites.fract_transf_matrix[3][1]   -0.03151573 
_atom_sites.fract_transf_matrix[3][2]   -0.04095856 
_atom_sites.fract_transf_matrix[3][3]   -0.00226883 
_atom_sites.fract_transf_vector[1]      0.277504 
_atom_sites.fract_transf_vector[2]      0.158853 
_atom_sites.fract_transf_vector[3]      0.654588 
_atom_sites.solution_primary            ? 
_atom_sites.solution_secondary          ? 
_atom_sites.solution_hydrogens          ? 
_atom_sites.special_details             ? 
# 
loop_
_atom_type.symbol 
_atom_type.scat_dispersion_real 
_atom_type.scat_dispersion_imag 
_atom_type.scat_Cromer_Mann_a1 
_atom_type.scat_Cromer_Mann_a2 
_atom_type.scat_Cromer_Mann_a3 
_atom_type.scat_Cromer_Mann_a4 
_atom_type.scat_Cromer_Mann_b1 
_atom_type.scat_Cromer_Mann_b2 
_atom_type.scat_Cromer_Mann_b3 
_atom_type.scat_Cromer_Mann_b4 
_atom_type.scat_Cromer_Mann_c 
_atom_type.scat_source 
_atom_type.scat_dispersion_source 
C  ? ? 3.54356  2.42580  ? ? 25.62398 1.50364  ? ? 0.0 
;2-Gaussian fit: Grosse-Kunstleve RW, Sauter NK, Adams PD: Newsletter of the IUCr Commission on Crystallographic Computing 2004, 3, 22-31.
;
? 
CD ? ? 36.69012 11.13669 ? ? 1.60906  22.94611 ? ? 0.0 
;2-Gaussian fit: Grosse-Kunstleve RW, Sauter NK, Adams PD: Newsletter of the IUCr Commission on Crystallographic Computing 2004, 3, 22-31.
;
? 
H  ? ? 0.51345  0.48472  ? ? 24.73122 6.32584  ? ? 0.0 
;2-Gaussian fit: Grosse-Kunstleve RW, Sauter NK, Adams PD: Newsletter of the IUCr Commission on Crystallographic Computing 2004, 3, 22-31.
;
? 
N  ? ? 4.01032  2.96436  ? ? 19.97189 1.75589  ? ? 0.0 
;2-Gaussian fit: Grosse-Kunstleve RW, Sauter NK, Adams PD: Newsletter of the IUCr Commission on Crystallographic Computing 2004, 3, 22-31.
;
? 
O  ? ? 4.49882  3.47563  ? ? 15.80542 1.70748  ? ? 0.0 
;2-Gaussian fit: Grosse-Kunstleve RW, Sauter NK, Adams PD: Newsletter of the IUCr Commission on Crystallographic Computing 2004, 3, 22-31.
;
? 
S  ? ? 9.55732  6.39887  ? ? 1.23737  29.19336 ? ? 0.0 
;2-Gaussian fit: Grosse-Kunstleve RW, Sauter NK, Adams PD: Newsletter of the IUCr Commission on Crystallographic Computing 2004, 3, 22-31.
;
? 
# 
loop_
_atom_site.group_PDB 
_atom_site.id 
_atom_site.type_symbol 
_atom_site.label_atom_id 
_atom_site.label_alt_id 
_atom_site.label_comp_id 
_atom_site.label_asym_id 
_atom_site.label_entity_id 
_atom_site.label_seq_id 
_atom_site.pdbx_PDB_ins_code 
_atom_site.Cartn_x 
_atom_site.Cartn_y 
_atom_site.Cartn_z 
_atom_site.occupancy 
_atom_site.B_iso_or_equiv 
_atom_site.pdbx_formal_charge 
_atom_site.auth_seq_id 
_atom_site.auth_comp_id 
_atom_site.auth_asym_id 
_atom_site.auth_atom_id 
_atom_site.pdbx_PDB_model_num 
HETATM 1   C  C    . ACE A 1 1  ? 2.54193   5.89582   -5.28492  1.000 11.09092 ? 0   ACE C C    1 
HETATM 2   O  O    . ACE A 1 1  ? 1.48952   5.87550   -5.92005  1.000 12.64913 ? 0   ACE C O    1 
HETATM 3   C  CH3  . ACE A 1 1  ? 3.17281   7.19981   -4.86658  1.000 14.42878 ? 0   ACE C CH3  1 
HETATM 4   H  H1   . ACE A 1 1  ? 3.52779   7.11855   -3.83922  1.000 17.31454 ? 0   ACE C H1   1 
HETATM 5   H  H2   . ACE A 1 1  ? 4.01233   7.42477   -5.52438  1.000 17.31454 ? 0   ACE C H2   1 
HETATM 6   H  H3   . ACE A 1 1  ? 2.43434   7.99872   -4.93375  1.000 17.31454 ? 0   ACE C H3   1 
ATOM   7   N  N    . TYR A 1 2  ? 3.17654   4.77379   -4.91915  1.000 10.02740 ? 1   TYR C N    1 
ATOM   8   C  CA   . TYR A 1 2  ? 2.68430   3.44512   -5.28100  1.000 10.36396 ? 1   TYR C CA   1 
ATOM   9   C  C    . TYR A 1 2  ? 3.12849   2.42056   -4.22826  1.000 10.54592 ? 1   TYR C C    1 
ATOM   10  O  O    . TYR A 1 2  ? 4.10611   2.63667   -3.50209  1.000 9.76877  ? 1   TYR C O    1 
ATOM   11  C  CB   . TYR A 1 2  ? 3.24264   3.02987   -6.65281  1.000 10.15678 ? 1   TYR C CB   1 
ATOM   12  C  CG   . TYR A 1 2  ? 4.73484   2.81086   -6.59241  1.000 12.30830 ? 1   TYR C CG   1 
ATOM   13  C  CD1  . TYR A 1 2  ? 5.61034   3.89064   -6.63569  1.000 11.16204 ? 1   TYR C CD1  1 
ATOM   14  C  CD2  . TYR A 1 2  ? 5.27015   1.53682   -6.43354  1.000 11.50810 ? 1   TYR C CD2  1 
ATOM   15  C  CE1  . TYR A 1 2  ? 6.97459   3.71676   -6.53776  1.000 12.70146 ? 1   TYR C CE1  1 
ATOM   16  C  CE2  . TYR A 1 2  ? 6.64453   1.34746   -6.34038  1.000 10.99985 ? 1   TYR C CE2  1 
ATOM   17  C  CZ   . TYR A 1 2  ? 7.48829   2.44503   -6.38645  1.000 12.23368 ? 1   TYR C CZ   1 
ATOM   18  O  OH   . TYR A 1 2  ? 8.84979   2.28219   -6.28584  1.000 17.55801 ? 1   TYR C OH   1 
ATOM   19  H  H    . TYR A 1 2  ? 3.90129   4.75909   -4.45642  1.000 12.03288 ? 1   TYR C H    1 
ATOM   20  H  HA   . TYR A 1 2  ? 1.71566   3.45786   -5.33076  1.000 12.43675 ? 1   TYR C HA   1 
ATOM   21  H  HB2  . TYR A 1 2  ? 2.82229   2.20209   -6.93384  1.000 12.18814 ? 1   TYR C HB2  1 
ATOM   22  H  HB3  . TYR A 1 2  ? 3.06134   3.73012   -7.29910  1.000 12.18814 ? 1   TYR C HB3  1 
ATOM   23  H  HD1  . TYR A 1 2  ? 5.26768   4.74973   -6.73291  1.000 13.39445 ? 1   TYR C HD1  1 
ATOM   24  H  HD2  . TYR A 1 2  ? 4.70152   0.80227   -6.38907  1.000 13.80972 ? 1   TYR C HD2  1 
ATOM   25  H  HE1  . TYR A 1 2  ? 7.54425   4.45101   -6.57340  1.000 15.24175 ? 1   TYR C HE1  1 
ATOM   26  H  HE2  . TYR A 1 2  ? 6.99446   0.49078   -6.24787  1.000 13.19982 ? 1   TYR C HE2  1 
ATOM   27  H  HH   . TYR A 1 2  ? 9.03242   1.47611   -6.13589  1.000 21.06961 ? 1   TYR C HH   1 
ATOM   28  N  N    . CYS A 1 3  ? 2.41461   1.29888   -4.15717  1.000 10.98937 ? 2   CYS C N    1 
ATOM   29  C  CA   . CYS A 1 3  ? 2.82339   0.18890   -3.30927  1.000 10.63858 ? 2   CYS C CA   1 
ATOM   30  C  C    . CYS A 1 3  ? 3.89047   -0.62698  -4.03104  1.000 10.05765 ? 2   CYS C C    1 
ATOM   31  O  O    . CYS A 1 3  ? 3.65440   -1.12361  -5.13594  1.000 10.98411 ? 2   CYS C O    1 
ATOM   32  C  CB   . CYS A 1 3  ? 1.62644   -0.70410  -2.99871  1.000 11.26898 ? 2   CYS C CB   1 
ATOM   33  S  SG   . CYS A 1 3  ? 2.07121   -2.08978  -1.94210  1.000 11.00145 ? 2   CYS C SG   1 
ATOM   34  H  H    . CYS A 1 3  ? 1.68684   1.15820   -4.59325  1.000 13.18724 ? 2   CYS C H    1 
ATOM   35  H  HA   . CYS A 1 3  ? 3.18631   0.53559   -2.47920  1.000 12.76630 ? 2   CYS C HA   1 
ATOM   36  H  HB2  . CYS A 1 3  ? 0.94888   -0.18059  -2.54293  1.000 13.52277 ? 2   CYS C HB2  1 
ATOM   37  H  HB3  . CYS A 1 3  ? 1.26984   -1.05787  -3.82853  1.000 13.52277 ? 2   CYS C HB3  1 
ATOM   38  N  N    . SER A 1 4  ? 5.05524   -0.78920  -3.40353  1.000 10.80195 ? 3   SER C N    1 
ATOM   39  C  CA   . SER A 1 4  ? 6.10446   -1.58156  -4.02617  1.000 9.43395  ? 3   SER C CA   1 
ATOM   40  C  C    . SER A 1 4  ? 5.73228   -3.05042  -4.12872  1.000 13.07772 ? 3   SER C C    1 
ATOM   41  O  O    . SER A 1 4  ? 6.27565   -3.74820  -4.98724  1.000 11.77703 ? 3   SER C O    1 
ATOM   42  C  CB   . SER A 1 4  ? 7.42279   -1.42076  -3.26952  1.000 11.90393 ? 3   SER C CB   1 
ATOM   43  O  OG   . SER A 1 4  ? 7.29757   -1.90191  -1.94639  1.000 15.34058 ? 3   SER C OG   1 
ATOM   44  H  H    . SER A 1 4  ? 5.25506   -0.45778  -2.63553  1.000 12.96234 ? 3   SER C H    1 
ATOM   45  H  HA   . SER A 1 4  ? 6.24707   -1.24805  -4.92580  1.000 11.32074 ? 3   SER C HA   1 
ATOM   46  H  HB2  . SER A 1 4  ? 8.11388   -1.92549  -3.72619  1.000 14.28471 ? 3   SER C HB2  1 
ATOM   47  H  HB3  . SER A 1 4  ? 7.66073   -0.48075  -3.24370  1.000 14.28471 ? 3   SER C HB3  1 
ATOM   48  H  HG   . SER A 1 4  ? 8.02608   -1.81222  -1.53793  1.000 18.40869 ? 3   SER C HG   1 
ATOM   49  N  N    . ASP A 1 5  ? 4.80299   -3.53362  -3.29517  1.000 10.58216 ? 4   ASP C N    1 
ATOM   50  C  CA   . ASP A 1 5  ? 4.48580   -4.95764  -3.29650  1.000 9.18780  ? 4   ASP C CA   1 
ATOM   51  C  C    . ASP A 1 5  ? 3.51209   -5.34094  -4.39835  1.000 9.22198  ? 4   ASP C C    1 
ATOM   52  O  O    . ASP A 1 5  ? 3.60286   -6.45400  -4.92573  1.000 13.00303 ? 4   ASP C O    1 
ATOM   53  C  CB   . ASP A 1 5  ? 3.89952   -5.39196  -1.95024  1.000 14.32331 ? 4   ASP C CB   1 
ATOM   54  C  CG   . ASP A 1 5  ? 4.95519   -5.88723  -0.97614  1.000 18.04317 ? 4   ASP C CG   1 
ATOM   55  O  OD1  . ASP A 1 5  ? 6.15996   -5.72194  -1.25505  1.000 18.93111 ? 4   ASP C OD1  1 
ATOM   56  O  OD2  . ASP A 1 5  ? 4.57595   -6.44848  0.07671   1.000 16.44141 ? 4   ASP C OD2  1 
ATOM   57  H  H    . ASP A 1 5  ? 4.35327   -3.06422  -2.73212  1.000 12.69859 ? 4   ASP C H    1 
ATOM   58  H  HA   . ASP A 1 5  ? 5.31841   -5.43499  -3.43717  1.000 11.02536 ? 4   ASP C HA   1 
ATOM   59  H  HB2  . ASP A 1 5  ? 3.44895   -4.63525  -1.54369  1.000 17.18797 ? 4   ASP C HB2  1 
ATOM   60  H  HB3  . ASP A 1 5  ? 3.26817   -6.11314  -2.09919  1.000 17.18797 ? 4   ASP C HB3  1 
ATOM   61  N  N    . CYS A 1 6  ? 2.56128   -4.46939  -4.73794  1.000 10.36245 ? 5   CYS C N    1 
ATOM   62  C  CA   . CYS A 1 6  ? 1.55177   -4.81689  -5.72995  1.000 12.50305 ? 5   CYS C CA   1 
ATOM   63  C  C    . CYS A 1 6  ? 1.33904   -3.77931  -6.82403  1.000 12.80215 ? 5   CYS C C    1 
ATOM   64  O  O    . CYS A 1 6  ? 0.69723   -4.10190  -7.82756  1.000 10.89531 ? 5   CYS C O    1 
ATOM   65  C  CB   . CYS A 1 6  ? 0.19657   -5.11811  -5.05617  1.000 16.14565 ? 5   CYS C CB   1 
ATOM   66  S  SG   . CYS A 1 6  ? -0.84643  -3.67490  -4.66302  1.000 13.82036 ? 5   CYS C SG   1 
ATOM   67  H  H    . CYS A 1 6  ? 2.48294   -3.67856  -4.40925  1.000 12.43494 ? 5   CYS C H    1 
ATOM   68  H  HA   . CYS A 1 6  ? 1.84676   -5.62993  -6.16911  1.000 15.00366 ? 5   CYS C HA   1 
ATOM   69  H  HB2  . CYS A 1 6  ? -0.31634  -5.68772  -5.65063  1.000 19.37479 ? 5   CYS C HB2  1 
ATOM   70  H  HB3  . CYS A 1 6  ? 0.37041   -5.58073  -4.22152  1.000 19.37479 ? 5   CYS C HB3  1 
ATOM   71  N  N    . GLY A 1 7  ? 1.83905   -2.56205  -6.67013  1.000 9.25604  ? 6   GLY C N    1 
ATOM   72  C  CA   . GLY A 1 7  ? 1.67976   -1.53938  -7.68251  1.000 11.42727 ? 6   GLY C CA   1 
ATOM   73  C  C    . GLY A 1 7  ? 0.47263   -0.63602  -7.52046  1.000 16.04646 ? 6   GLY C C    1 
ATOM   74  O  O    . GLY A 1 7  ? 0.30981   0.30169   -8.31420  1.000 15.11034 ? 6   GLY C O    1 
ATOM   75  H  H    . GLY A 1 7  ? 2.27968   -2.30380  -5.97822  1.000 11.10725 ? 6   GLY C H    1 
ATOM   76  H  HA2  . GLY A 1 7  ? 2.46928   -0.97589  -7.67686  1.000 13.71273 ? 6   GLY C HA2  1 
ATOM   77  H  HA3  . GLY A 1 7  ? 1.60684   -1.97216  -8.54755  1.000 13.71273 ? 6   GLY C HA3  1 
ATOM   78  N  N    . ALA A 1 8  ? -0.36921  -0.87702  -6.52127  1.000 10.83662 ? 7   ALA C N    1 
ATOM   79  C  CA   . ALA A 1 8  ? -1.53437  -0.03596  -6.30396  1.000 12.01143 ? 7   ALA C CA   1 
ATOM   80  C  C    . ALA A 1 8  ? -1.12049  1.40932   -6.06180  1.000 11.99051 ? 7   ALA C C    1 
ATOM   81  O  O    . ALA A 1 8  ? -0.06239  1.69620   -5.48967  1.000 12.73016 ? 7   ALA C O    1 
ATOM   82  C  CB   . ALA A 1 8  ? -2.31318  -0.53795  -5.08902  1.000 14.68207 ? 7   ALA C CB   1 
ATOM   83  H  H    . ALA A 1 8  ? -0.28697  -1.52063  -5.95682  1.000 13.00395 ? 7   ALA C H    1 
ATOM   84  H  HA   . ALA A 1 8  ? -2.10336  -0.06880  -7.08887  1.000 14.41371 ? 7   ALA C HA   1 
ATOM   85  H  HB1  . ALA A 1 8  ? -3.08598  0.03198   -4.95176  1.000 17.61849 ? 7   ALA C HB1  1 
ATOM   86  H  HB2  . ALA A 1 8  ? -2.59975  -1.45013  -5.25245  1.000 17.61849 ? 7   ALA C HB2  1 
ATOM   87  H  HB3  . ALA A 1 8  ? -1.73671  -0.50697  -4.30952  1.000 17.61849 ? 7   ALA C HB3  1 
ATOM   88  N  N    . ASP A 1 9  ? -1.98064  2.32634   -6.48283  1.000 11.90706 ? 8   ASP C N    1 
ATOM   89  C  CA   . ASP A 1 9  ? -1.75022  3.73508   -6.22303  1.000 15.70835 ? 8   ASP C CA   1 
ATOM   90  C  C    . ASP A 1 9  ? -1.76656  4.02195   -4.71747  1.000 11.13447 ? 8   ASP C C    1 
ATOM   91  O  O    . ASP A 1 9  ? -2.56546  3.45053   -3.98163  1.000 12.22872 ? 8   ASP C O    1 
ATOM   92  C  CB   . ASP A 1 9  ? -2.80706  4.60506   -6.90780  1.000 16.64547 ? 8   ASP C CB   1 
ATOM   93  C  CG   . ASP A 1 9  ? -2.52165  6.08971   -6.73124  1.000 24.64990 ? 8   ASP C CG   1 
ATOM   94  O  OD1  . ASP A 1 9  ? -1.64176  6.61389   -7.45149  1.000 26.58241 ? 8   ASP C OD1  1 
ATOM   95  O  OD2  . ASP A 1 9  ? -3.13877  6.72447   -5.84683  1.000 19.20777 ? 8   ASP C OD2  1 
ATOM   96  H  H    . ASP A 1 9  ? -2.70195  2.15667   -6.91931  1.000 14.28847 ? 8   ASP C H    1 
ATOM   97  H  HA   . ASP A 1 9  ? -0.88135  3.97218   -6.58322  1.000 18.85003 ? 8   ASP C HA   1 
ATOM   98  H  HB2  . ASP A 1 9  ? -2.81595  4.40852   -7.85763  1.000 19.97457 ? 8   ASP C HB2  1 
ATOM   99  H  HB3  . ASP A 1 9  ? -3.67631  4.41501   -6.52155  1.000 19.97457 ? 8   ASP C HB3  1 
HETATM 100 N  N    . AIB A 1 10 ? -0.90032  4.93885   -4.28657  1.000 10.04249 ? 9   AIB C N    1 
HETATM 101 C  CA   . AIB A 1 10 ? -0.76945  5.30642   -2.86991  1.000 11.69093 ? 9   AIB C CA   1 
HETATM 102 C  C    . AIB A 1 10 ? -2.09336  5.72381   -2.21070  1.000 13.65911 ? 9   AIB C C    1 
HETATM 103 O  O    . AIB A 1 10 ? -2.23373  5.64887   -0.99835  1.000 11.39667 ? 9   AIB C O    1 
HETATM 104 C  CB1  . AIB A 1 10 ? 0.19986   6.49509   -2.69812  1.000 12.64403 ? 9   AIB C CB1  1 
HETATM 105 C  CB2  . AIB A 1 10 ? -0.18916  4.09272   -2.13748  1.000 12.60723 ? 9   AIB C CB2  1 
HETATM 106 H  H    . AIB A 1 10 ? -0.36551  5.37254   -4.80185  1.000 12.05098 ? 9   AIB C H    1 
HETATM 107 H  HB11 . AIB A 1 10 ? 0.20840   6.82506   -1.78601  1.000 15.17284 ? 9   AIB C HB11 1 
HETATM 108 H  HB12 . AIB A 1 10 ? 1.11226   6.25190   -2.92012  1.000 15.17284 ? 9   AIB C HB12 1 
HETATM 109 H  HB13 . AIB A 1 10 ? -0.04087  7.24246   -3.26767  1.000 15.17284 ? 9   AIB C HB13 1 
HETATM 110 H  HB21 . AIB A 1 10 ? 0.00841   4.29648   -1.20993  1.000 15.12868 ? 9   AIB C HB21 1 
HETATM 111 H  HB22 . AIB A 1 10 ? -0.80599  3.34412   -2.14284  1.000 15.12868 ? 9   AIB C HB22 1 
HETATM 112 H  HB23 . AIB A 1 10 ? 0.63574   3.78912   -2.54768  1.000 15.12868 ? 9   AIB C HB23 1 
ATOM   113 N  N    . SER A 1 11 ? -3.06609  6.15768   -3.00188  1.000 11.08271 ? 10  SER C N    1 
ATOM   114 C  CA   . SER A 1 11 ? -4.34349  6.59191   -2.45623  1.000 12.51086 ? 10  SER C CA   1 
ATOM   115 C  C    . SER A 1 11 ? -5.17022  5.41878   -1.92889  1.000 13.94861 ? 10  SER C C    1 
ATOM   116 O  O    . SER A 1 11 ? -6.24763  5.61543   -1.35122  1.000 15.53543 ? 10  SER C O    1 
ATOM   117 C  CB   . SER A 1 11 ? -5.13798  7.30053   -3.53747  1.000 12.97089 ? 10  SER C CB   1 
ATOM   118 O  OG   . SER A 1 11 ? -5.45186  6.38283   -4.57170  1.000 15.96766 ? 10  SER C OG   1 
ATOM   119 H  H    . SER A 1 11 ? -3.01061  6.21006   -3.85848  1.000 13.29925 ? 10  SER C H    1 
ATOM   120 H  HA   . SER A 1 11 ? -4.17477  7.19523   -1.71567  1.000 15.01304 ? 10  SER C HA   1 
ATOM   121 H  HB2  . SER A 1 11 ? -5.95943  7.64850   -3.15659  1.000 15.56507 ? 10  SER C HB2  1 
ATOM   122 H  HB3  . SER A 1 11 ? -4.60782  8.02639   -3.90209  1.000 15.56507 ? 10  SER C HB3  1 
ATOM   123 H  HG   . SER A 1 11 ? -5.91864  6.76058   -5.15909  1.000 19.16119 ? 10  SER C HG   1 
ATOM   124 N  N    . GLN A 1 12 ? -4.67814  4.20163   -2.13746  1.000 12.31959 ? 11  GLN C N    1 
ATOM   125 C  CA   . GLN A 1 12 ? -5.37751  3.00295   -1.69975  1.000 12.93926 ? 11  GLN C CA   1 
ATOM   126 C  C    . GLN A 1 12 ? -4.92379  2.51884   -0.32725  1.000 15.56197 ? 11  GLN C C    1 
ATOM   127 O  O    . GLN A 1 12 ? -5.28961  1.41216   0.08032   1.000 14.63415 ? 11  GLN C O    1 
ATOM   128 C  CB   . GLN A 1 12 ? -5.22658  1.88993   -2.74178  1.000 18.96858 ? 11  GLN C CB   1 
ATOM   129 C  CG   . GLN A 1 12 ? -5.87874  2.22785   -4.09244  1.000 18.67587 ? 11  GLN C CG   1 
ATOM   130 C  CD   . GLN A 1 12 ? -5.67102  1.14481   -5.14179  1.000 41.89990 ? 11  GLN C CD   1 
ATOM   131 O  OE1  . GLN A 1 12 ? -4.94509  1.34508   -6.11830  1.000 51.21806 ? 11  GLN C OE1  1 
ATOM   132 N  NE2  . GLN A 1 12 ? -6.30829  -0.01528  -4.94153  1.000 37.54136 ? 11  GLN C NE2  1 
ATOM   133 H  H    . GLN A 1 12 ? -3.93590  4.03846   -2.53850  1.000 14.78351 ? 11  GLN C H    1 
ATOM   134 H  HA   . GLN A 1 12 ? -6.32330  3.20749   -1.63317  1.000 15.52711 ? 11  GLN C HA   1 
ATOM   135 H  HB2  . GLN A 1 12 ? -4.28237  1.73189   -2.89799  1.000 22.76230 ? 11  GLN C HB2  1 
ATOM   136 H  HB3  . GLN A 1 12 ? -5.64470  1.08300   -2.40279  1.000 22.76230 ? 11  GLN C HB3  1 
ATOM   137 H  HG2  . GLN A 1 12 ? -6.83352  2.33890   -3.96228  1.000 22.41104 ? 11  GLN C HG2  1 
ATOM   138 H  HG3  . GLN A 1 12 ? -5.49295  3.05064   -4.43166  1.000 22.41104 ? 11  GLN C HG3  1 
ATOM   139 H  HE21 . GLN A 1 12 ? -6.80601  -0.11831  -4.24780  1.000 45.04964 ? 11  GLN C HE21 1 
ATOM   140 H  HE22 . GLN A 1 12 ? -6.22114  -0.65703  -5.50737  1.000 45.04964 ? 11  GLN C HE22 1 
ATOM   141 N  N    . VAL A 1 13 ? -4.16463  3.31985   0.40241   1.000 10.37225 ? 12  VAL C N    1 
ATOM   142 C  CA   . VAL A 1 13 ? -3.66235  2.92733   1.71094   1.000 9.24248  ? 12  VAL C CA   1 
ATOM   143 C  C    . VAL A 1 13 ? -4.56894  3.52281   2.77100   1.000 10.91148 ? 12  VAL C C    1 
ATOM   144 O  O    . VAL A 1 13 ? -4.95875  4.69267   2.67857   1.000 11.00417 ? 12  VAL C O    1 
ATOM   145 C  CB   . VAL A 1 13 ? -2.19666  3.35785   1.90306   1.000 9.47193  ? 12  VAL C CB   1 
ATOM   146 C  CG1  A VAL A 1 13 ? -1.77314  3.19805   3.35449   0.894 9.27023  ? 12  VAL C CG1  1 
ATOM   147 C  CG1  B VAL A 1 13 ? -2.09586  4.85242   2.16743   0.106 8.48971  ? 12  VAL C CG1  1 
ATOM   148 C  CG2  A VAL A 1 13 ? -1.28755  2.52997   1.00426   0.894 15.68097 ? 12  VAL C CG2  1 
ATOM   149 H  H    . VAL A 1 13 ? -3.92260  4.10808   0.15806   1.000 12.44670 ? 12  VAL C H    1 
ATOM   150 H  HA   . VAL A 1 13 ? -3.69783  1.96169   1.79569   1.000 11.09098 ? 12  VAL C HA   1 
ATOM   151 H  HB   A VAL A 1 13 ? -2.11315  4.29386   1.66266   0.894 11.36632 ? 12  VAL C HB   1 
ATOM   152 H  HB   B VAL A 1 13 ? -1.83515  2.89625   2.67579   0.106 11.36632 ? 12  VAL C HB   1 
ATOM   153 H  HG11 A VAL A 1 13 ? -0.80549  3.23967   3.40752   0.894 11.12427 ? 12  VAL C HG11 1 
ATOM   154 H  HG11 B VAL A 1 13 ? -1.18433  5.06773   2.41967   0.106 10.18765 ? 12  VAL C HG11 1 
ATOM   155 H  HG12 A VAL A 1 13 ? -2.16425  3.91466   3.87832   0.894 11.12427 ? 12  VAL C HG12 1 
ATOM   156 H  HG12 B VAL A 1 13 ? -2.33801  5.33293   1.36035   0.106 10.18765 ? 12  VAL C HG12 1 
ATOM   157 H  HG13 A VAL A 1 13 ? -2.08576  2.34023   3.68207   0.894 11.12427 ? 12  VAL C HG13 1 
ATOM   158 H  HG13 B VAL A 1 13 ? -2.70247  5.08746   2.88692   0.106 10.18765 ? 12  VAL C HG13 1 
ATOM   159 H  HG21 A VAL A 1 13 ? -0.52830  3.07178   0.73802   0.894 18.81717 ? 12  VAL C HG21 1 
ATOM   160 H  HG22 A VAL A 1 13 ? -0.98220  1.75118   1.49532   0.894 18.81717 ? 12  VAL C HG22 1 
ATOM   161 H  HG23 A VAL A 1 13 ? -1.78665  2.25198   0.22034   0.894 18.81717 ? 12  VAL C HG23 1 
ATOM   162 N  N    . ARG A 1 14 ? -4.93175  2.70861   3.76091   1.000 9.92664  ? 13  ARG C N    1 
ATOM   163 C  CA   . ARG A 1 14 ? -5.70947  3.16609   4.90385   1.000 10.81484 ? 13  ARG C CA   1 
ATOM   164 C  C    . ARG A 1 14 ? -5.34017  2.32575   6.11784   1.000 9.94143  ? 13  ARG C C    1 
ATOM   165 O  O    . ARG A 1 14 ? -5.04327  1.13771   5.99021   1.000 9.86789  ? 13  ARG C O    1 
ATOM   166 C  CB   A ARG A 1 14 ? -7.22438  2.98664   4.73157   1.000 13.67010 ? 13  ARG C CB   1 
ATOM   167 C  CG   A ARG A 1 14 ? -7.88788  3.79679   3.66113   1.000 13.97478 ? 13  ARG C CG   1 
ATOM   168 C  CD   A ARG A 1 14 ? -8.05055  5.25876   4.04699   1.000 17.80567 ? 13  ARG C CD   1 
ATOM   169 N  NE   A ARG A 1 14 ? -8.78494  5.98883   3.01706   1.000 21.29470 ? 13  ARG C NE   1 
ATOM   170 C  CZ   A ARG A 1 14 ? -8.32494  6.22865   1.79156   1.000 35.56902 ? 13  ARG C CZ   1 
ATOM   171 N  NH1  A ARG A 1 14 ? -7.11897  5.82611   1.40461   1.000 23.78283 ? 13  ARG C NH1  1 
ATOM   172 N  NH2  A ARG A 1 14 ? -9.09272  6.88399   0.92725   1.000 49.66113 ? 13  ARG C NH2  1 
ATOM   173 H  H    . ARG A 1 14 ? -4.73486  1.87203   3.79188   1.000 11.91197 ? 13  ARG C H    1 
ATOM   174 H  HA   . ARG A 1 14 ? -5.49809  4.10506   5.02453   1.000 12.97781 ? 13  ARG C HA   1 
ATOM   175 H  HB2  A ARG A 1 14 ? -7.39354  2.05405   4.52527   1.000 16.40411 ? 13  ARG C HB2  1 
ATOM   176 H  HB3  A ARG A 1 14 ? -7.65088  3.22361   5.56994   1.000 16.40411 ? 13  ARG C HB3  1 
ATOM   177 H  HG2  A ARG A 1 14 ? -7.34981  3.75766   2.85500   1.000 16.76974 ? 13  ARG C HG2  1 
ATOM   178 H  HG3  A ARG A 1 14 ? -8.77017  3.43226   3.48912   1.000 16.76974 ? 13  ARG C HG3  1 
ATOM   179 H  HD2  A ARG A 1 14 ? -8.54425  5.32077   4.87965   1.000 21.36681 ? 13  ARG C HD2  1 
ATOM   180 H  HD3  A ARG A 1 14 ? -7.17603  5.66592   4.14872   1.000 21.36681 ? 13  ARG C HD3  1 
ATOM   181 H  HE   A ARG A 1 14 ? -9.56787  6.28379   3.21610   1.000 25.55364 ? 13  ARG C HE   1 
ATOM   182 H  HH11 A ARG A 1 14 ? -6.61239  5.39793   1.95202   1.000 28.53939 ? 13  ARG C HH11 1 
ATOM   183 H  HH12 A ARG A 1 14 ? -6.84513  5.99379   0.60680   1.000 28.53939 ? 13  ARG C HH12 1 
ATOM   184 H  HH21 A ARG A 1 14 ? -9.87676  7.14766   1.16251   1.000 59.59335 ? 13  ARG C HH21 1 
ATOM   185 H  HH22 A ARG A 1 14 ? -8.80554  7.04442   0.13265   1.000 59.59335 ? 13  ARG C HH22 1 
ATOM   186 N  N    . GLY A 1 15 ? -5.40904  2.93631   7.29729   1.000 9.49646  ? 14  GLY C N    1 
ATOM   187 C  CA   . GLY A 1 15 ? -5.23569  2.18992   8.52945   1.000 11.25035 ? 14  GLY C CA   1 
ATOM   188 C  C    . GLY A 1 15 ? -3.87766  1.56440   8.70692   1.000 10.40858 ? 14  GLY C C    1 
ATOM   189 O  O    . GLY A 1 15 ? -3.72862  0.65570   9.52757   1.000 9.72952  ? 14  GLY C O    1 
ATOM   190 H  H    . GLY A 1 15 ? -5.55434  3.77683   7.40693   1.000 11.39575 ? 14  GLY C H    1 
ATOM   191 H  HA2  . GLY A 1 15 ? -5.38556  2.78789   9.27835   1.000 13.50042 ? 14  GLY C HA2  1 
ATOM   192 H  HA3  . GLY A 1 15 ? -5.89441  1.47841   8.55671   1.000 13.50042 ? 14  GLY C HA3  1 
ATOM   193 N  N    . GLY A 1 16 ? -2.87400  2.04246   7.97183   1.000 9.87950  ? 15  GLY C N    1 
ATOM   194 C  CA   . GLY A 1 16 ? -1.52249  1.53543   8.06554   1.000 9.77248  ? 15  GLY C CA   1 
ATOM   195 C  C    . GLY A 1 16 ? -1.17986  0.43743   7.08412   1.000 9.20182  ? 15  GLY C C    1 
ATOM   196 O  O    . GLY A 1 16 ? -0.09389  -0.14995  7.19288   1.000 9.60879  ? 15  GLY C O    1 
ATOM   197 H  H    . GLY A 1 16 ? -2.96053  2.67753   7.39842   1.000 11.85540 ? 15  GLY C H    1 
ATOM   198 H  HA2  . GLY A 1 16 ? -0.90564  2.26868   7.91479   1.000 11.72697 ? 15  GLY C HA2  1 
ATOM   199 H  HA3  . GLY A 1 16 ? -1.38450  1.18538   8.95960   1.000 11.72697 ? 15  GLY C HA3  1 
ATOM   200 N  N    . TYR A 1 17 ? -2.07215  0.12787   6.14205   1.000 9.03764  ? 16  TYR C N    1 
ATOM   201 C  CA   . TYR A 1 17 ? -1.86100  -0.96473  5.20513   1.000 8.86185  ? 16  TYR C CA   1 
ATOM   202 C  C    . TYR A 1 17 ? -2.35299  -0.58221  3.81702   1.000 9.78323  ? 16  TYR C C    1 
ATOM   203 O  O    . TYR A 1 17 ? -3.28690  0.21079   3.66217   1.000 8.78682  ? 16  TYR C O    1 
ATOM   204 C  CB   . TYR A 1 17 ? -2.62799  -2.23091  5.62208   1.000 9.84686  ? 16  TYR C CB   1 
ATOM   205 C  CG   . TYR A 1 17 ? -2.25423  -2.71628  6.99317   1.000 9.68699  ? 16  TYR C CG   1 
ATOM   206 C  CD1  . TYR A 1 17 ? -1.18026  -3.57003  7.17598   1.000 11.88545 ? 16  TYR C CD1  1 
ATOM   207 C  CD2  . TYR A 1 17 ? -2.95960  -2.29658  8.11086   1.000 10.42261 ? 16  TYR C CD2  1 
ATOM   208 C  CE1  . TYR A 1 17 ? -0.82374  -3.99528  8.43038   1.000 12.66104 ? 16  TYR C CE1  1 
ATOM   209 C  CE2  . TYR A 1 17 ? -2.61157  -2.72242  9.36783   1.000 13.95952 ? 16  TYR C CE2  1 
ATOM   210 C  CZ   . TYR A 1 17 ? -1.54126  -3.57006  9.52064   1.000 11.58225 ? 16  TYR C CZ   1 
ATOM   211 O  OH   . TYR A 1 17 ? -1.20104  -3.98501  10.78258  1.000 12.92846 ? 16  TYR C OH   1 
ATOM   212 H  H    . TYR A 1 17 ? -2.81592  0.54419   6.02765   1.000 10.84517 ? 16  TYR C H    1 
ATOM   213 H  HA   . TYR A 1 17 ? -0.90779  -1.14127  5.17177   1.000 10.63422 ? 16  TYR C HA   1 
ATOM   214 H  HB2  . TYR A 1 17 ? -3.57861  -2.03802  5.62134   1.000 11.81624 ? 16  TYR C HB2  1 
ATOM   215 H  HB3  . TYR A 1 17 ? -2.43286  -2.94006  4.98968   1.000 11.81624 ? 16  TYR C HB3  1 
ATOM   216 H  HD1  . TYR A 1 17 ? -0.69365  -3.85935  6.43814   1.000 14.26253 ? 16  TYR C HD1  1 
ATOM   217 H  HD2  . TYR A 1 17 ? -3.67978  -1.71743  8.00681   1.000 12.50714 ? 16  TYR C HD2  1 
ATOM   218 H  HE1  . TYR A 1 17 ? -0.09991  -4.56852  8.54162   1.000 15.19325 ? 16  TYR C HE1  1 
ATOM   219 H  HE2  . TYR A 1 17 ? -3.09589  -2.43980  10.10976  1.000 16.75143 ? 16  TYR C HE2  1 
ATOM   220 H  HH   . TYR A 1 17 ? -0.47537  -4.40751  10.76020  1.000 15.51415 ? 16  TYR C HH   1 
ATOM   221 N  N    . CYS A 1 18 ? -1.72287  -1.18239  2.80682   1.000 8.40790  ? 17  CYS C N    1 
ATOM   222 C  CA   . CYS A 1 18 ? -2.29112  -1.17768  1.46946   1.000 8.88455  ? 17  CYS C CA   1 
ATOM   223 C  C    . CYS A 1 18 ? -3.57345  -2.00073  1.48053   1.000 10.02347 ? 17  CYS C C    1 
ATOM   224 O  O    . CYS A 1 18 ? -3.55347  -3.18254  1.84887   1.000 11.01728 ? 17  CYS C O    1 
ATOM   225 C  CB   . CYS A 1 18 ? -1.31041  -1.78932  0.48115   1.000 7.37504  ? 17  CYS C CB   1 
ATOM   226 S  SG   . CYS A 1 18 ? -2.06219  -2.04484  -1.13032  1.000 9.28865  ? 17  CYS C SG   1 
ATOM   227 H  H    . CYS A 1 18 ? -0.97118  -1.59476  2.87401   1.000 10.08947 ? 17  CYS C H    1 
ATOM   228 H  HA   . CYS A 1 18 ? -2.48130  -0.26601  1.19818   1.000 10.66146 ? 17  CYS C HA   1 
ATOM   229 H  HB2  . CYS A 1 18 ? -0.55254  -1.19365  0.37291   1.000 8.85005  ? 17  CYS C HB2  1 
ATOM   230 H  HB3  . CYS A 1 18 ? -1.01160  -2.64856  0.81777   1.000 8.85005  ? 17  CYS C HB3  1 
ATOM   231 N  N    . THR A 1 19 ? -4.68764  -1.38817  1.06912   1.000 9.95784  ? 18  THR C N    1 
ATOM   232 C  CA   . THR A 1 19 ? -5.96536  -2.09016  1.13080   1.000 8.89509  ? 18  THR C CA   1 
ATOM   233 C  C    . THR A 1 19 ? -6.10943  -3.15375  0.05263   1.000 9.60858  ? 18  THR C C    1 
ATOM   234 O  O    . THR A 1 19 ? -7.07827  -3.92146  0.09716   1.000 10.41127 ? 18  THR C O    1 
ATOM   235 C  CB   . THR A 1 19 ? -7.15537  -1.11864  1.08385   1.000 7.99885  ? 18  THR C CB   1 
ATOM   236 O  OG1  . THR A 1 19 ? -7.18201  -0.43328  -0.17281  1.000 11.34664 ? 18  THR C OG1  1 
ATOM   237 C  CG2  . THR A 1 19 ? -7.07443  -0.12218  2.23683   1.000 9.20139  ? 18  THR C CG2  1 
ATOM   238 H  H    . THR A 1 19 ? -4.72600  -0.58709  0.75868   1.000 11.94940 ? 18  THR C H    1 
ATOM   239 H  HA   . THR A 1 19 ? -6.01204  -2.53163  1.99325   1.000 10.67410 ? 18  THR C HA   1 
ATOM   240 H  HB   . THR A 1 19 ? -7.98445  -1.61343  1.17711   1.000 9.59862  ? 18  THR C HB   1 
ATOM   241 H  HG1  . THR A 1 19 ? -6.47396  0.00696   -0.27503  1.000 13.61597 ? 18  THR C HG1  1 
ATOM   242 H  HG21 . THR A 1 19 ? -7.84950  0.46096   2.22637   1.000 11.04167 ? 18  THR C HG21 1 
ATOM   243 H  HG22 . THR A 1 19 ? -7.04797  -0.59547  3.08312   1.000 11.04167 ? 18  THR C HG22 1 
ATOM   244 H  HG23 . THR A 1 19 ? -6.27303  0.41784   2.15297   1.000 11.04167 ? 18  THR C HG23 1 
ATOM   245 N  N    . ASN A 1 20 ? -5.17545  -3.23781  -0.89500  1.000 9.22728  ? 19  ASN C N    1 
ATOM   246 C  CA   . ASN A 1 20 ? -5.22867  -4.31337  -1.87976  1.000 10.98652 ? 19  ASN C CA   1 
ATOM   247 C  C    . ASN A 1 20 ? -4.50542  -5.57290  -1.39743  1.000 13.90138 ? 19  ASN C C    1 
ATOM   248 O  O    . ASN A 1 20 ? -5.12439  -6.63182  -1.26571  1.000 13.87343 ? 19  ASN C O    1 
ATOM   249 C  CB   . ASN A 1 20 ? -4.66536  -3.83915  -3.22006  1.000 13.50022 ? 19  ASN C CB   1 
ATOM   250 C  CG   . ASN A 1 20 ? -4.79850  -4.88614  -4.29832  1.000 13.35823 ? 19  ASN C CG   1 
ATOM   251 O  OD1  . ASN A 1 20 ? -5.87465  -5.45300  -4.50443  1.000 17.05368 ? 19  ASN C OD1  1 
ATOM   252 N  ND2  . ASN A 1 20 ? -3.70084  -5.16724  -4.97960  1.000 13.70321 ? 19  ASN C ND2  1 
ATOM   253 H  H    . ASN A 1 20 ? -4.51506  -2.69440  -0.98542  1.000 11.07274 ? 19  ASN C H    1 
ATOM   254 H  HA   . ASN A 1 20 ? -6.15999  -4.54726  -2.01706  1.000 13.18383 ? 19  ASN C HA   1 
ATOM   255 H  HB2  . ASN A 1 20 ? -5.14824  -3.04797  -3.50596  1.000 16.20027 ? 19  ASN C HB2  1 
ATOM   256 H  HB3  . ASN A 1 20 ? -3.72351  -3.63275  -3.11407  1.000 16.20027 ? 19  ASN C HB3  1 
ATOM   257 H  HD21 . ASN A 1 20 ? -2.96544  -4.76050  -4.79704  1.000 16.44386 ? 19  ASN C HD21 1 
ATOM   258 H  HD22 . ASN A 1 20 ? -3.72226  -5.75684  -5.60532  1.000 16.44386 ? 19  ASN C HD22 1 
ATOM   259 N  N    . CYS A 1 21 ? -3.20147  -5.47890  -1.12299  1.000 8.72153  ? 20  CYS C N    1 
ATOM   260 C  CA   . CYS A 1 21 ? -2.41121  -6.66690  -0.82546  1.000 9.40992  ? 20  CYS C CA   1 
ATOM   261 C  C    . CYS A 1 21 ? -2.08199  -6.83257  0.65331   1.000 10.31630 ? 20  CYS C C    1 
ATOM   262 O  O    . CYS A 1 21 ? -1.50425  -7.85934  1.03326   1.000 11.64929 ? 20  CYS C O    1 
ATOM   263 C  CB   . CYS A 1 21 ? -1.11512  -6.65922  -1.63182  1.000 10.19087 ? 20  CYS C CB   1 
ATOM   264 S  SG   . CYS A 1 21 ? 0.13921   -5.58373  -0.95750  1.000 10.01714 ? 20  CYS C SG   1 
ATOM   265 H  H    . CYS A 1 21 ? -2.75889  -4.74176  -1.10418  1.000 10.46584 ? 20  CYS C H    1 
ATOM   266 H  HA   . CYS A 1 21 ? -2.92615  -7.44346  -1.09505  1.000 11.29190 ? 20  CYS C HA   1 
ATOM   267 H  HB2  . CYS A 1 21 ? -0.75466  -7.55953  -1.65226  1.000 12.22905 ? 20  CYS C HB2  1 
ATOM   268 H  HB3  . CYS A 1 21 ? -1.31000  -6.35933  -2.53348  1.000 12.22905 ? 20  CYS C HB3  1 
ATOM   269 N  N    . GLY A 1 22 ? -2.43042  -5.85941  1.49066   1.000 10.51204 ? 21  GLY C N    1 
ATOM   270 C  CA   . GLY A 1 22 ? -2.18358  -5.95422  2.91221   1.000 11.12971 ? 21  GLY C CA   1 
ATOM   271 C  C    . GLY A 1 22 ? -0.79937  -5.54064  3.34630   1.000 8.43773  ? 21  GLY C C    1 
ATOM   272 O  O    . GLY A 1 22 ? -0.47779  -5.65631  4.53559   1.000 11.44162 ? 21  GLY C O    1 
ATOM   273 H  H    . GLY A 1 22 ? -2.81513  -5.12872  1.25047   1.000 12.61445 ? 21  GLY C H    1 
ATOM   274 H  HA2  . GLY A 1 22 ? -2.82024  -5.38819  3.37607   1.000 13.35566 ? 21  GLY C HA2  1 
ATOM   275 H  HA3  . GLY A 1 22 ? -2.31789  -6.87391  3.18974   1.000 13.35566 ? 21  GLY C HA3  1 
ATOM   276 N  N    . ALA A 1 23 ? 0.02365   -5.04701  2.43548   1.000 9.42362  ? 22  ALA C N    1 
ATOM   277 C  CA   . ALA A 1 23 ? 1.36505   -4.63150  2.80836   1.000 8.15486  ? 22  ALA C CA   1 
ATOM   278 C  C    . ALA A 1 23 ? 1.31435   -3.55562  3.88420   1.000 8.48698  ? 22  ALA C C    1 
ATOM   279 O  O    . ALA A 1 23 ? 0.40855   -2.71759  3.92283   1.000 10.57919 ? 22  ALA C O    1 
ATOM   280 C  CB   . ALA A 1 23 ? 2.11198   -4.09789  1.59335   1.000 12.27169 ? 22  ALA C CB   1 
ATOM   281 H  H    . ALA A 1 23 ? -0.16733  -4.94301  1.60342   1.000 11.30834 ? 22  ALA C H    1 
ATOM   282 H  HA   . ALA A 1 23 ? 1.84850   -5.39656  3.15744   1.000 9.78583  ? 22  ALA C HA   1 
ATOM   283 H  HB1  . ALA A 1 23 ? 2.98205   -3.77419  1.87458   1.000 14.72603 ? 22  ALA C HB1  1 
ATOM   284 H  HB2  . ALA A 1 23 ? 2.21833   -4.81443  0.94823   1.000 14.72603 ? 22  ALA C HB2  1 
ATOM   285 H  HB3  . ALA A 1 23 ? 1.60029   -3.37308  1.20129   1.000 14.72603 ? 22  ALA C HB3  1 
ATOM   286 N  N    . SER A 1 24 ? 2.30423   -3.58817  4.76658   1.000 8.64033  ? 23  SER C N    1 
ATOM   287 C  CA   . SER A 1 24 ? 2.47932   -2.54191  5.75587   1.000 9.21567  ? 23  SER C CA   1 
ATOM   288 C  C    . SER A 1 24 ? 2.75678   -1.22691  5.03194   1.000 11.96629 ? 23  SER C C    1 
ATOM   289 O  O    . SER A 1 24 ? 3.28268   -1.22303  3.90851   1.000 9.83495  ? 23  SER C O    1 
ATOM   290 C  CB   . SER A 1 24 ? 3.63332   -2.89477  6.69723   1.000 10.36187 ? 23  SER C CB   1 
ATOM   291 O  OG   . SER A 1 24 ? 4.82177   -3.10879  5.96290   1.000 12.44257 ? 23  SER C OG   1 
ATOM   292 H  H    . SER A 1 24 ? 2.89290   -4.21351  4.81135   1.000 10.36839 ? 23  SER C H    1 
ATOM   293 H  HA   . SER A 1 24 ? 1.68410   -2.44321  6.30247   1.000 11.05880 ? 23  SER C HA   1 
ATOM   294 H  HB2  . SER A 1 24 ? 3.77152   -2.16252  7.31821   1.000 12.43424 ? 23  SER C HB2  1 
ATOM   295 H  HB3  . SER A 1 24 ? 3.41038   -3.70418  7.18306   1.000 12.43424 ? 23  SER C HB3  1 
ATOM   296 H  HG   . SER A 1 24 ? 5.43696   -3.35737  6.47803   1.000 14.93109 ? 23  SER C HG   1 
HETATM 297 N  N    . AIB A 1 25 ? 2.40858   -0.12606  5.69518   1.000 10.73577 ? 24  AIB C N    1 
HETATM 298 C  CA   . AIB A 1 25 ? 2.50942   1.23378   5.14698   1.000 8.60893  ? 24  AIB C CA   1 
HETATM 299 C  C    . AIB A 1 25 ? 3.89886   1.54582   4.56736   1.000 12.54302 ? 24  AIB C C    1 
HETATM 300 O  O    . AIB A 1 25 ? 4.02825   2.29174   3.58922   1.000 11.78592 ? 24  AIB C O    1 
HETATM 301 C  CB1  . AIB A 1 25 ? 2.30524   2.27807   6.26864   1.000 12.15518 ? 24  AIB C CB1  1 
HETATM 302 C  CB2  . AIB A 1 25 ? 1.40515   1.40195   4.09335   1.000 12.14174 ? 24  AIB C CB2  1 
HETATM 303 H  H    . AIB A 1 25 ? 2.09801   -0.13563  6.49708   1.000 12.88292 ? 24  AIB C H    1 
HETATM 304 H  HB11 . AIB A 1 25 ? 2.36773   3.18581   5.93249   1.000 14.58622 ? 24  AIB C HB11 1 
HETATM 305 H  HB12 . AIB A 1 25 ? 1.43553   2.19078   6.68920   1.000 14.58622 ? 24  AIB C HB12 1 
HETATM 306 H  HB13 . AIB A 1 25 ? 2.96944   2.18915   6.96995   1.000 14.58622 ? 24  AIB C HB13 1 
HETATM 307 H  HB21 . AIB A 1 25 ? 1.41680   2.28971   3.70266   1.000 14.57009 ? 24  AIB C HB21 1 
HETATM 308 H  HB22 . AIB A 1 25 ? 1.50479   0.76645   3.36732   1.000 14.57009 ? 24  AIB C HB22 1 
HETATM 309 H  HB23 . AIB A 1 25 ? 0.52381   1.26693   4.47534   1.000 14.57009 ? 24  AIB C HB23 1 
ATOM   310 N  N    . ASP A 1 26 ? 4.93309   0.97423   5.17317   1.000 12.22497 ? 25  ASP C N    1 
ATOM   311 C  CA   . ASP A 1 26 ? 6.30761   1.30013   4.81328   1.000 14.04741 ? 25  ASP C CA   1 
ATOM   312 C  C    . ASP A 1 26 ? 6.68828   0.74168   3.44663   1.000 11.71547 ? 25  ASP C C    1 
ATOM   313 O  O    . ASP A 1 26 ? 7.72663   1.09744   2.89587   1.000 11.53544 ? 25  ASP C O    1 
ATOM   314 C  CB   A ASP A 1 26 ? 7.28236   0.85076   5.89674   0.391 28.20433 ? 25  ASP C CB   1 
ATOM   315 C  CB   B ASP A 1 26 ? 7.22259   0.78440   5.94700   0.609 29.42633 ? 25  ASP C CB   1 
ATOM   316 C  CG   A ASP A 1 26 ? 7.15066   -0.60432  6.22280   0.391 6.73454  ? 25  ASP C CG   1 
ATOM   317 C  CG   B ASP A 1 26 ? 8.57829   0.28441   5.46902   0.609 35.27530 ? 25  ASP C CG   1 
ATOM   318 O  OD1  A ASP A 1 26 ? 6.38417   -1.29255  5.53092   0.391 13.29429 ? 25  ASP C OD1  1 
ATOM   319 O  OD1  B ASP A 1 26 ? 8.64403   -0.77379  4.81026   0.609 18.58612 ? 25  ASP C OD1  1 
ATOM   320 O  OD2  A ASP A 1 26 ? 7.81507   -1.06063  7.17559   0.391 35.19455 ? 25  ASP C OD2  1 
ATOM   321 O  OD2  B ASP A 1 26 ? 9.59343   0.93930   5.78694   0.609 29.11341 ? 25  ASP C OD2  1 
ATOM   322 H  H    A ASP A 1 26 ? 4.86493   0.39005   5.80061   0.391 14.66996 ? 25  ASP C H    1 
ATOM   323 H  H    B ASP A 1 26 ? 4.86493   0.39005   5.80061   0.609 14.66996 ? 25  ASP C H    1 
ATOM   324 H  HA   A ASP A 1 26 ? 6.38693   2.26465   4.74751   0.391 16.85689 ? 25  ASP C HA   1 
ATOM   325 H  HA   B ASP A 1 26 ? 6.43158   2.25829   4.72685   0.609 16.85689 ? 25  ASP C HA   1 
ATOM   326 H  HB2  B ASP A 1 26 ? 7.37959   1.50784   6.57381   0.609 35.31160 ? 25  ASP C HB2  1 
ATOM   327 H  HB3  B ASP A 1 26 ? 6.77810   0.04781   6.39508   0.609 35.31160 ? 25  ASP C HB3  1 
ATOM   328 N  N    . ARG A 1 27 ? 5.80708   -0.05651  2.85261   1.000 9.62919  ? 26  ARG C N    1 
ATOM   329 C  CA   . ARG A 1 27 ? 6.04710   -0.53983  1.50100   1.000 8.60791  ? 26  ARG C CA   1 
ATOM   330 C  C    . ARG A 1 27 ? 5.64392   0.47204   0.43378   1.000 10.47492 ? 26  ARG C C    1 
ATOM   331 O  O    . ARG A 1 27 ? 5.92819   0.25101   -0.74948  1.000 10.54918 ? 26  ARG C O    1 
ATOM   332 C  CB   . ARG A 1 27 ? 5.32513   -1.87058  1.27035   1.000 12.10472 ? 26  ARG C CB   1 
ATOM   333 C  CG   . ARG A 1 27 ? 6.14556   -3.10789  1.60734   1.000 14.22533 ? 26  ARG C CG   1 
ATOM   334 C  CD   . ARG A 1 27 ? 6.67916   -3.09849  3.02853   1.000 15.92150 ? 26  ARG C CD   1 
ATOM   335 N  NE   . ARG A 1 27 ? 7.33890   -4.36063  3.34683   1.000 15.97367 ? 26  ARG C NE   1 
ATOM   336 C  CZ   . ARG A 1 27 ? 8.16359   -4.55027  4.36829   1.000 14.95512 ? 26  ARG C CZ   1 
ATOM   337 N  NH1  . ARG A 1 27 ? 8.47099   -3.57191  5.20478   1.000 16.19739 ? 26  ARG C NH1  1 
ATOM   338 N  NH2  . ARG A 1 27 ? 8.69248   -5.75736  4.55472   1.000 13.65925 ? 26  ARG C NH2  1 
ATOM   339 H  H    . ARG A 1 27 ? 5.07247   -0.32816  3.20780   1.000 11.55503 ? 26  ARG C H    1 
ATOM   340 H  HA   . ARG A 1 27 ? 6.99595   -0.71226  1.39689   1.000 10.32950 ? 26  ARG C HA   1 
ATOM   341 H  HB2  . ARG A 1 27 ? 4.52876   -1.88879  1.82384   1.000 14.52567 ? 26  ARG C HB2  1 
ATOM   342 H  HB3  . ARG A 1 27 ? 5.07961   -1.92936  0.33377   1.000 14.52567 ? 26  ARG C HB3  1 
ATOM   343 H  HG2  . ARG A 1 27 ? 5.58731   -3.89433  1.50355   1.000 17.07040 ? 26  ARG C HG2  1 
ATOM   344 H  HG3  . ARG A 1 27 ? 6.90379   -3.15736  1.00440   1.000 17.07040 ? 26  ARG C HG3  1 
ATOM   345 H  HD2  . ARG A 1 27 ? 7.32456   -2.38105  3.12664   1.000 19.10580 ? 26  ARG C HD2  1 
ATOM   346 H  HD3  . ARG A 1 27 ? 5.94436   -2.97084  3.64875   1.000 19.10580 ? 26  ARG C HD3  1 
ATOM   347 H  HE   . ARG A 1 27 ? 7.18110   -5.03222  2.83335   1.000 19.16841 ? 26  ARG C HE   1 
ATOM   348 H  HH11 . ARG A 1 27 ? 8.13346   -2.78883  5.09320   1.000 19.43686 ? 26  ARG C HH11 1 
ATOM   349 H  HH12 . ARG A 1 27 ? 9.00827   -3.71923  5.85993   1.000 19.43686 ? 26  ARG C HH12 1 
ATOM   350 H  HH21 . ARG A 1 27 ? 8.49793   -6.39977  4.01708   1.000 16.39110 ? 26  ARG C HH21 1 
ATOM   351 H  HH22 . ARG A 1 27 ? 9.22875   -5.89489  5.21282   1.000 16.39110 ? 26  ARG C HH22 1 
ATOM   352 N  N    . ILE A 1 28 ? 5.02054   1.57764   0.81317   1.000 9.33959  ? 27  ILE C N    1 
ATOM   353 C  CA   . ILE A 1 28 ? 4.65926   2.60548   -0.15231  1.000 10.66165 ? 27  ILE C CA   1 
ATOM   354 C  C    . ILE A 1 28 ? 5.88245   3.44518   -0.47852  1.000 13.74873 ? 27  ILE C C    1 
ATOM   355 O  O    . ILE A 1 28 ? 6.65353   3.82870   0.41194   1.000 15.06011 ? 27  ILE C O    1 
ATOM   356 C  CB   . ILE A 1 28 ? 3.53552   3.50031   0.38995   1.000 9.43454  ? 27  ILE C CB   1 
ATOM   357 C  CG1  . ILE A 1 28 ? 2.32316   2.67768   0.78349   1.000 13.98015 ? 27  ILE C CG1  1 
ATOM   358 C  CG2  . ILE A 1 28 ? 3.15924   4.54440   -0.64859  1.000 14.20123 ? 27  ILE C CG2  1 
ATOM   359 C  CD1  . ILE A 1 28 ? 1.89891   1.68005   -0.25268  1.000 13.84588 ? 27  ILE C CD1  1 
ATOM   360 H  H    . ILE A 1 28 ? 4.79544   1.75698   1.62359   1.000 11.20751 ? 27  ILE C H    1 
ATOM   361 H  HA   . ILE A 1 28 ? 4.34680   2.16639   -0.95884  1.000 12.79398 ? 27  ILE C HA   1 
ATOM   362 H  HB   . ILE A 1 28 ? 3.86063   3.94746   1.18699   1.000 11.32145 ? 27  ILE C HB   1 
ATOM   363 H  HG12 . ILE A 1 28 ? 2.52937   2.18936   1.59584   1.000 16.77619 ? 27  ILE C HG12 1 
ATOM   364 H  HG13 . ILE A 1 28 ? 1.57702   3.27802   0.93762   1.000 16.77619 ? 27  ILE C HG13 1 
ATOM   365 H  HG21 . ILE A 1 28 ? 2.34437   4.98956   -0.36799  1.000 17.04148 ? 27  ILE C HG21 1 
ATOM   366 H  HG22 . ILE A 1 28 ? 3.87973   5.18955   -0.72324  1.000 17.04148 ? 27  ILE C HG22 1 
ATOM   367 H  HG23 . ILE A 1 28 ? 3.01906   4.10487   -1.50186  1.000 17.04148 ? 27  ILE C HG23 1 
ATOM   368 H  HD11 . ILE A 1 28 ? 0.99332   1.39062   -0.06026  1.000 16.61506 ? 27  ILE C HD11 1 
ATOM   369 H  HD12 . ILE A 1 28 ? 1.93365   2.09868   -1.12701  1.000 16.61506 ? 27  ILE C HD12 1 
ATOM   370 H  HD13 . ILE A 1 28 ? 2.50174   0.92062   -0.22537  1.000 16.61506 ? 27  ILE C HD13 1 
ATOM   371 N  N    . ARG A 1 29 ? 6.04299   3.75992   -1.75572  1.000 12.65382 ? 28  ARG C N    1 
ATOM   372 C  CA   . ARG A 1 29 ? 7.14874   4.58319   -2.21706  1.000 15.17003 ? 28  ARG C CA   1 
ATOM   373 C  C    . ARG A 1 29 ? 6.62592   5.61135   -3.21185  1.000 20.19991 ? 28  ARG C C    1 
ATOM   374 O  O    . ARG A 1 29 ? 5.44121   5.64761   -3.51767  1.000 24.86622 ? 28  ARG C O    1 
ATOM   375 C  CB   . ARG A 1 29 ? 8.20920   3.71089   -2.88450  1.000 17.97362 ? 28  ARG C CB   1 
ATOM   376 C  CG   . ARG A 1 29 ? 8.47404   2.42608   -2.13688  1.000 36.25603 ? 28  ARG C CG   1 
ATOM   377 C  CD   . ARG A 1 29 ? 9.93495   2.05168   -2.19119  1.000 45.19720 ? 28  ARG C CD   1 
ATOM   378 N  NE   . ARG A 1 29 ? 10.11414  0.61298   -2.32377  1.000 54.83230 ? 28  ARG C NE   1 
ATOM   379 C  CZ   . ARG A 1 29 ? 11.16543  0.04894   -2.90075  1.000 68.13012 ? 28  ARG C CZ   1 
ATOM   380 N  NH1  . ARG A 1 29 ? 12.16001  0.77916   -3.37942  1.000 68.17388 ? 28  ARG C NH1  1 
ATOM   381 N  NH2  . ARG A 1 29 ? 11.21577  -1.27731  -3.01015  1.000 48.93173 ? 28  ARG C NH2  1 
ATOM   382 H  H    . ARG A 1 29 ? 5.51583   3.50446   -2.38535  1.000 15.18459 ? 28  ARG C H    1 
ATOM   383 H  HA   . ARG A 1 29 ? 7.56451   5.04048   -1.46945  1.000 18.20404 ? 28  ARG C HA   1 
ATOM   384 H  HB2  . ARG A 1 29 ? 7.91032   3.48082   -3.77816  1.000 21.56834 ? 28  ARG C HB2  1 
ATOM   385 H  HB3  . ARG A 1 29 ? 9.04134   4.20722   -2.93048  1.000 21.56834 ? 28  ARG C HB3  1 
ATOM   386 H  HG2  . ARG A 1 29 ? 8.22109   2.53651   -1.20698  1.000 43.50724 ? 28  ARG C HG2  1 
ATOM   387 H  HG3  . ARG A 1 29 ? 7.95935   1.70822   -2.53771  1.000 43.50724 ? 28  ARG C HG3  1 
ATOM   388 H  HD2  . ARG A 1 29 ? 10.34824  2.48204   -2.95595  1.000 54.23664 ? 28  ARG C HD2  1 
ATOM   389 H  HD3  . ARG A 1 29 ? 10.37039  2.33897   -1.37341  1.000 54.23664 ? 28  ARG C HD3  1 
ATOM   390 H  HE   . ARG A 1 29 ? 9.50119   0.09845   -2.00888  1.000 65.79876 ? 28  ARG C HE   1 
ATOM   391 H  HH11 . ARG A 1 29 ? 12.13169  1.63658   -3.31912  1.000 81.80866 ? 28  ARG C HH11 1 
ATOM   392 H  HH12 . ARG A 1 29 ? 12.83459  0.39626   -3.75077  1.000 81.80866 ? 28  ARG C HH12 1 
ATOM   393 H  HH21 . ARG A 1 29 ? 10.57022  -1.75851  -2.70794  1.000 58.71807 ? 28  ARG C HH21 1 
ATOM   394 H  HH22 . ARG A 1 29 ? 11.89381  -1.65259  -3.38300  1.000 58.71807 ? 28  ARG C HH22 1 
HETATM 395 N  N    . NH2 A 1 30 ? 7.56886   6.65324   -3.46379  1.000 28.75652 ? 29  NH2 C N    1 
HETATM 396 H  HN1  . NH2 A 1 30 ? 7.21142   7.46618   -3.52576  1.000 34.50782 ? 29  NH2 C HN1  1 
HETATM 397 H  HN2  . NH2 A 1 30 ? 8.27670   6.78018   -2.93882  1.000 34.50782 ? 29  NH2 C HN2  1 
HETATM 398 CD CD   . CD  B 2 .  ? -0.11279  -3.35144  -2.20028  1.000 10.77770 ? 101 CD  C CD   1 
HETATM 399 O  O    . HOH C 3 .  ? -4.40116  1.41095   -8.30590  1.000 32.58804 ? 201 HOH C O    1 
HETATM 400 O  O    . HOH C 3 .  ? -10.70619 6.31291   4.35801   1.000 32.96511 ? 202 HOH C O    1 
HETATM 401 O  O    . HOH C 3 .  ? 0.07059   8.15744   -6.80960  1.000 27.67445 ? 203 HOH C O    1 
HETATM 402 O  O    . HOH C 3 .  ? 8.07052   -4.28533  -1.59030  1.000 38.54207 ? 204 HOH C O    1 
HETATM 403 O  O    . HOH C 3 .  ? 7.94688   -6.13940  0.45600   1.000 39.06954 ? 205 HOH C O    1 
HETATM 404 O  O    . HOH C 3 .  ? 5.52223   -6.84025  2.42934   0.500 9.83518  ? 206 HOH C O    1 
HETATM 405 O  O    . HOH C 3 .  ? -1.71055  -10.13770 -0.30588  1.000 37.46460 ? 207 HOH C O    1 
HETATM 406 O  O    . HOH C 3 .  ? 1.60226   -0.06301  9.23152   1.000 13.12088 ? 208 HOH C O    1 
HETATM 407 O  O    . HOH C 3 .  ? -2.71198  -3.13391  12.82481  1.000 30.26306 ? 209 HOH C O    1 
HETATM 408 O  O    . HOH C 3 .  ? -7.58060  -1.11743  -2.81252  1.000 17.72175 ? 210 HOH C O    1 
HETATM 409 O  O    . HOH C 3 .  ? -2.70618  -0.03036  11.98085  1.000 23.12930 ? 211 HOH C O    1 
HETATM 410 O  O    . HOH C 3 .  ? -6.36096  -1.26990  5.75674   1.000 31.35253 ? 212 HOH C O    1 
HETATM 411 O  O    . HOH C 3 .  ? -7.35980  2.41732   -7.00411  1.000 59.49469 ? 213 HOH C O    1 
HETATM 412 O  O    . HOH C 3 .  ? -2.31391  -6.95069  6.30098   1.000 13.10502 ? 214 HOH C O    1 
HETATM 413 O  O    . HOH C 3 .  ? -4.07719  6.89907   1.08084   1.000 14.17781 ? 215 HOH C O    1 
HETATM 414 O  O    . HOH C 3 .  ? 0.67284   -6.78862  -8.92994  1.000 24.69144 ? 216 HOH C O    1 
HETATM 415 O  O    . HOH C 3 .  ? 4.52828   -5.64043  4.51682   0.500 9.99977  ? 217 HOH C O    1 
HETATM 416 O  O    . HOH C 3 .  ? -8.18870  -3.41232  -4.56666  1.000 24.26775 ? 218 HOH C O    1 
HETATM 417 O  O    . HOH C 3 .  ? -7.68779  -4.90038  -7.07594  1.000 42.89413 ? 219 HOH C O    1 
HETATM 418 O  O    . HOH C 3 .  ? 7.55505   7.86139   -6.48259  1.000 35.66846 ? 220 HOH C O    1 
HETATM 419 O  O    . HOH C 3 .  ? 11.55021  -4.56150  -3.05510  1.000 55.14092 ? 221 HOH C O    1 
HETATM 420 O  O    . HOH C 3 .  ? -6.74046  8.97238   -6.17100  1.000 26.26582 ? 222 HOH C O    1 
HETATM 421 O  O    . HOH C 3 .  ? -9.15549  6.92734   -2.40939  1.000 30.61913 ? 223 HOH C O    1 
HETATM 422 O  O    . HOH C 3 .  ? 4.44206   0.26196   8.52359   1.000 15.11578 ? 224 HOH C O    1 
HETATM 423 O  O    . HOH C 3 .  ? 2.43908   1.45127   -11.02770 1.000 41.68373 ? 225 HOH C O    1 
# 
loop_
_atom_site_anisotrop.id 
_atom_site_anisotrop.type_symbol 
_atom_site_anisotrop.pdbx_label_atom_id 
_atom_site_anisotrop.pdbx_label_alt_id 
_atom_site_anisotrop.pdbx_label_comp_id 
_atom_site_anisotrop.pdbx_label_asym_id 
_atom_site_anisotrop.pdbx_label_seq_id 
_atom_site_anisotrop.pdbx_PDB_ins_code 
_atom_site_anisotrop.U[1][1] 
_atom_site_anisotrop.U[2][2] 
_atom_site_anisotrop.U[3][3] 
_atom_site_anisotrop.U[1][2] 
_atom_site_anisotrop.U[1][3] 
_atom_site_anisotrop.U[2][3] 
_atom_site_anisotrop.pdbx_auth_seq_id 
_atom_site_anisotrop.pdbx_auth_comp_id 
_atom_site_anisotrop.pdbx_auth_asym_id 
_atom_site_anisotrop.pdbx_auth_atom_id 
33  S  SG . CYS A 3  ? 0.14147 0.13311 0.14342 0.00377  0.00890  0.01148  2   CYS C SG 
66  S  SG . CYS A 6  ? 0.11967 0.20245 0.20299 -0.01974 0.01813  0.01772  5   CYS C SG 
226 S  SG . CYS A 18 ? 0.11319 0.12338 0.11637 -0.00212 0.00890  -0.01080 17  CYS C SG 
264 S  SG . CYS A 21 ? 0.12456 0.13235 0.12369 -0.01130 -0.00276 0.00247  20  CYS C SG 
398 CD CD . CD  B .  ? 0.13414 0.14143 0.13392 -0.00835 0.01743  -0.00744 101 CD  C CD 
# 
